data_6RV8
#
_entry.id   6RV8
#
_cell.length_a   84.750
_cell.length_b   84.750
_cell.length_c   261.062
_cell.angle_alpha   90.000
_cell.angle_beta   90.000
_cell.angle_gamma   90.000
#
_symmetry.space_group_name_H-M   'P 41 21 2'
#
loop_
_entity.id
_entity.type
_entity.pdbx_description
1 polymer '4-O-methyl-glucuronoyl methylesterase'
2 branched '4-O-methyl-alpha-D-glucopyranuronic acid-(1-2)-beta-D-xylopyranose-(1-4)-beta-D-xylopyranose-(1-4)-Xylitol'
3 branched beta-D-xylopyranose-(1-4)-beta-D-xylopyranose
4 non-polymer 2-acetamido-2-deoxy-beta-D-glucopyranose
5 non-polymer 1,2-ETHANEDIOL
6 non-polymer alpha-D-mannopyranose
7 water water
#
_entity_poly.entity_id   1
_entity_poly.type   'polypeptide(L)'
_entity_poly.pdbx_seq_one_letter_code
;MQASAPQWGQCGGIGWTGPTACPSGWACQQLNAYYSQCLQGAAPAPARTTAAPPPPPATTAAPPPPTTSAPTGSSPVAGA
CGAIASTVPNYNNAKLPDPFTFANGTALRTKADWSCRRAEISALIQNYEAGTLPPKPPVVTASFSKSGNTGTLAITAGLS
NSQTIKFSPTISYPSGTPPANGWPLIIAYEGGSIPIPAGVATLTYSNSDMAQQNSASSRGQGLFYQLYGSTHSASAMTAW
VWGVSRIIDALEMTPTAQINTQRIGVTGCSRDGKGALMAGAFEERIALTIPQESGSGGDACWRLSKYEIDNGNQVQDAVE
IVGENVWFSTNFNNYVQKLPTVPEDHHLLAAMVAPRAMISFENTDYLWLSPMSSFGCMTAAHTVWQGLGIADSHGFAQVG
GHAHCAWPSSLTPQLNAFINRFLLDQSATTNVFTTNNQFGKVQWNAANWITWTTPTLTGLEQKLISEEDLNSAVDHHHHH
H
;
_entity_poly.pdbx_strand_id   A,B
#
loop_
_chem_comp.id
_chem_comp.type
_chem_comp.name
_chem_comp.formula
EDO non-polymer 1,2-ETHANEDIOL 'C2 H6 O2'
GCV D-saccharide, alpha linking '4-O-methyl-alpha-D-glucopyranuronic acid' 'C7 H12 O7'
MAN D-saccharide, alpha linking alpha-D-mannopyranose 'C6 H12 O6'
NAG D-saccharide, beta linking 2-acetamido-2-deoxy-beta-D-glucopyranose 'C8 H15 N O6'
XYL D-saccharide Xylitol 'C5 H12 O5'
XYP D-saccharide, beta linking beta-D-xylopyranose 'C5 H10 O5'
#
# COMPACT_ATOMS: atom_id res chain seq x y z
N ALA A 80 -31.46 -5.09 18.49
CA ALA A 80 -30.21 -4.91 19.22
C ALA A 80 -30.15 -3.51 19.87
N CYS A 81 -30.61 -2.51 19.13
CA CYS A 81 -30.58 -1.14 19.62
C CYS A 81 -31.91 -0.70 20.23
N GLY A 82 -32.87 -1.62 20.36
CA GLY A 82 -34.15 -1.22 20.88
C GLY A 82 -34.90 -0.29 19.94
N ALA A 83 -35.87 0.42 20.50
CA ALA A 83 -36.67 1.36 19.73
C ALA A 83 -35.78 2.54 19.31
N ILE A 84 -35.65 2.74 18.01
CA ILE A 84 -34.79 3.79 17.47
C ILE A 84 -35.58 5.08 17.43
N ALA A 85 -34.98 6.15 17.97
CA ALA A 85 -35.59 7.48 17.93
C ALA A 85 -35.37 8.10 16.56
N SER A 86 -36.46 8.55 15.93
CA SER A 86 -36.32 9.34 14.70
C SER A 86 -36.80 10.78 14.85
N THR A 87 -37.41 11.12 15.98
CA THR A 87 -37.88 12.49 16.23
C THR A 87 -37.60 12.85 17.68
N VAL A 88 -37.11 14.06 17.90
CA VAL A 88 -36.85 14.55 19.26
C VAL A 88 -37.60 15.87 19.41
N PRO A 89 -38.89 15.82 19.76
CA PRO A 89 -39.74 17.01 19.70
C PRO A 89 -39.27 18.17 20.57
N ASN A 90 -38.64 17.91 21.70
CA ASN A 90 -38.26 18.94 22.66
CA ASN A 90 -38.30 19.02 22.57
C ASN A 90 -36.84 19.46 22.45
N TYR A 91 -36.14 19.00 21.41
CA TYR A 91 -34.73 19.36 21.23
C TYR A 91 -34.58 20.85 20.94
N ASN A 92 -33.58 21.47 21.57
CA ASN A 92 -33.32 22.88 21.33
C ASN A 92 -31.90 23.18 21.80
N ASN A 93 -30.95 23.17 20.86
CA ASN A 93 -29.53 23.30 21.17
C ASN A 93 -28.90 24.16 20.08
N ALA A 94 -28.52 25.39 20.43
CA ALA A 94 -27.88 26.25 19.44
C ALA A 94 -26.48 25.77 19.07
N LYS A 95 -25.85 24.95 19.92
CA LYS A 95 -24.52 24.45 19.63
C LYS A 95 -24.66 23.08 18.94
N LEU A 96 -23.54 22.43 18.67
CA LEU A 96 -23.59 21.20 17.88
C LEU A 96 -24.11 20.03 18.72
N PRO A 97 -25.03 19.22 18.20
CA PRO A 97 -25.48 18.04 18.94
C PRO A 97 -24.33 17.13 19.35
N ASP A 98 -24.47 16.55 20.54
CA ASP A 98 -23.44 15.72 21.13
C ASP A 98 -23.44 14.33 20.49
N PRO A 99 -22.37 13.91 19.82
CA PRO A 99 -22.34 12.54 19.25
C PRO A 99 -22.47 11.45 20.28
N PHE A 100 -22.06 11.69 21.54
CA PHE A 100 -21.80 10.62 22.48
C PHE A 100 -22.93 10.38 23.45
N THR A 101 -24.11 10.96 23.21
CA THR A 101 -25.29 10.67 24.01
C THR A 101 -26.46 10.35 23.09
N PHE A 102 -27.11 9.22 23.34
CA PHE A 102 -28.32 8.83 22.63
C PHE A 102 -29.45 9.82 22.89
N ALA A 103 -30.44 9.83 22.00
CA ALA A 103 -31.59 10.71 22.21
C ALA A 103 -32.23 10.52 23.58
N ASN A 104 -32.23 9.29 24.10
CA ASN A 104 -32.89 9.03 25.39
C ASN A 104 -32.02 9.41 26.59
N GLY A 105 -30.85 10.00 26.37
CA GLY A 105 -30.00 10.43 27.46
C GLY A 105 -28.95 9.42 27.90
N THR A 106 -28.96 8.21 27.33
CA THR A 106 -27.94 7.22 27.64
C THR A 106 -26.60 7.64 27.04
N ALA A 107 -25.54 7.61 27.85
CA ALA A 107 -24.21 7.94 27.34
C ALA A 107 -23.60 6.73 26.64
N LEU A 108 -22.96 6.97 25.50
CA LEU A 108 -22.17 5.92 24.86
C LEU A 108 -20.98 5.57 25.74
N ARG A 109 -20.68 4.32 25.80
CA ARG A 109 -19.56 3.85 26.62
C ARG A 109 -18.62 2.91 25.88
N THR A 110 -19.13 2.07 24.98
CA THR A 110 -18.33 1.09 24.27
C THR A 110 -18.23 1.47 22.80
N LYS A 111 -17.20 0.91 22.14
CA LYS A 111 -17.12 1.10 20.70
C LYS A 111 -18.34 0.49 20.01
N ALA A 112 -18.80 -0.65 20.51
CA ALA A 112 -20.02 -1.26 19.95
C ALA A 112 -21.22 -0.33 20.04
N ASP A 113 -21.30 0.50 21.09
CA ASP A 113 -22.40 1.45 21.18
C ASP A 113 -22.49 2.37 19.97
N TRP A 114 -21.36 2.61 19.28
CA TRP A 114 -21.42 3.53 18.14
C TRP A 114 -22.32 2.97 17.04
N SER A 115 -22.35 1.64 16.86
CA SER A 115 -23.23 1.04 15.87
C SER A 115 -24.68 1.45 16.11
N CYS A 116 -25.14 1.38 17.36
CA CYS A 116 -26.51 1.77 17.67
C CYS A 116 -26.71 3.28 17.52
N ARG A 117 -25.72 4.07 17.94
CA ARG A 117 -25.85 5.52 17.80
C ARG A 117 -25.89 5.93 16.33
N ARG A 118 -25.08 5.27 15.49
CA ARG A 118 -25.10 5.58 14.07
C ARG A 118 -26.47 5.26 13.47
N ALA A 119 -27.08 4.16 13.92
CA ALA A 119 -28.41 3.82 13.44
C ALA A 119 -29.44 4.86 13.86
N GLU A 120 -29.28 5.40 15.07
CA GLU A 120 -30.16 6.48 15.53
C GLU A 120 -29.94 7.75 14.70
N ILE A 121 -28.68 8.13 14.50
CA ILE A 121 -28.38 9.30 13.67
C ILE A 121 -28.96 9.13 12.28
N SER A 122 -28.83 7.93 11.71
CA SER A 122 -29.44 7.66 10.42
C SER A 122 -30.94 7.98 10.43
N ALA A 123 -31.66 7.49 11.43
CA ALA A 123 -33.10 7.74 11.50
C ALA A 123 -33.40 9.22 11.66
N LEU A 124 -32.61 9.91 12.50
CA LEU A 124 -32.83 11.34 12.70
C LEU A 124 -32.58 12.12 11.42
N ILE A 125 -31.46 11.83 10.73
CA ILE A 125 -31.18 12.54 9.49
C ILE A 125 -32.27 12.30 8.46
N GLN A 126 -32.73 11.04 8.33
CA GLN A 126 -33.82 10.77 7.41
C GLN A 126 -35.06 11.58 7.77
N ASN A 127 -35.40 11.63 9.07
CA ASN A 127 -36.64 12.26 9.47
C ASN A 127 -36.59 13.77 9.26
N TYR A 128 -35.45 14.41 9.55
CA TYR A 128 -35.39 15.87 9.52
C TYR A 128 -34.95 16.45 8.19
N GLU A 129 -34.05 15.79 7.45
CA GLU A 129 -33.51 16.47 6.28
C GLU A 129 -33.35 15.62 5.04
N ALA A 130 -33.29 14.28 5.12
CA ALA A 130 -32.94 13.49 3.96
C ALA A 130 -34.10 12.70 3.38
N GLY A 131 -35.21 12.54 4.13
CA GLY A 131 -36.28 11.68 3.69
C GLY A 131 -35.92 10.21 3.88
N THR A 132 -36.86 9.36 3.47
CA THR A 132 -36.77 7.93 3.75
C THR A 132 -35.83 7.24 2.76
N LEU A 133 -34.85 6.50 3.29
CA LEU A 133 -33.97 5.70 2.45
C LEU A 133 -34.57 4.29 2.38
N PRO A 134 -35.14 3.87 1.24
CA PRO A 134 -35.77 2.56 1.21
C PRO A 134 -34.74 1.46 1.37
N PRO A 135 -35.13 0.32 1.93
CA PRO A 135 -34.20 -0.82 2.03
C PRO A 135 -34.01 -1.49 0.69
N LYS A 136 -33.13 -2.48 0.63
CA LYS A 136 -32.96 -3.25 -0.59
C LYS A 136 -34.31 -3.79 -1.06
N PRO A 137 -34.66 -3.63 -2.33
CA PRO A 137 -35.97 -4.11 -2.81
C PRO A 137 -35.92 -5.61 -3.08
N PRO A 138 -37.09 -6.24 -3.23
CA PRO A 138 -37.11 -7.71 -3.41
C PRO A 138 -36.36 -8.20 -4.65
N VAL A 139 -36.39 -7.43 -5.73
CA VAL A 139 -35.75 -7.80 -6.98
C VAL A 139 -34.54 -6.91 -7.21
N VAL A 140 -33.35 -7.50 -7.22
CA VAL A 140 -32.14 -6.83 -7.70
C VAL A 140 -31.41 -7.85 -8.56
N THR A 141 -31.33 -7.59 -9.86
CA THR A 141 -30.65 -8.49 -10.77
C THR A 141 -29.55 -7.72 -11.47
N ALA A 142 -28.48 -8.42 -11.83
CA ALA A 142 -27.36 -7.77 -12.49
C ALA A 142 -26.76 -8.71 -13.51
N SER A 143 -26.36 -8.14 -14.64
CA SER A 143 -25.58 -8.85 -15.64
C SER A 143 -24.40 -7.98 -16.02
N PHE A 144 -23.35 -8.62 -16.52
CA PHE A 144 -22.09 -7.92 -16.73
C PHE A 144 -21.54 -8.31 -18.09
N SER A 145 -20.94 -7.35 -18.77
CA SER A 145 -20.27 -7.58 -20.04
C SER A 145 -19.12 -6.59 -20.14
N LYS A 146 -18.07 -6.97 -20.86
CA LYS A 146 -16.86 -6.16 -20.92
C LYS A 146 -16.39 -6.05 -22.36
N SER A 147 -16.04 -4.84 -22.78
CA SER A 147 -15.48 -4.59 -24.10
C SER A 147 -14.21 -3.77 -23.92
N GLY A 148 -13.08 -4.34 -24.31
CA GLY A 148 -11.81 -3.67 -24.04
C GLY A 148 -11.56 -3.60 -22.55
N ASN A 149 -11.32 -2.40 -22.04
CA ASN A 149 -11.11 -2.19 -20.61
C ASN A 149 -12.32 -1.55 -19.94
N THR A 150 -13.48 -1.61 -20.57
CA THR A 150 -14.70 -1.02 -20.03
C THR A 150 -15.73 -2.12 -19.78
N GLY A 151 -16.20 -2.21 -18.54
CA GLY A 151 -17.26 -3.13 -18.18
C GLY A 151 -18.58 -2.38 -18.09
N THR A 152 -19.67 -3.07 -18.39
CA THR A 152 -21.02 -2.53 -18.20
C THR A 152 -21.78 -3.42 -17.23
N LEU A 153 -22.21 -2.84 -16.13
CA LEU A 153 -22.96 -3.56 -15.11
C LEU A 153 -24.43 -3.19 -15.23
N ALA A 154 -25.22 -4.06 -15.87
CA ALA A 154 -26.63 -3.79 -16.14
C ALA A 154 -27.47 -4.24 -14.95
N ILE A 155 -28.11 -3.28 -14.28
CA ILE A 155 -28.80 -3.53 -13.02
C ILE A 155 -30.30 -3.32 -13.24
N THR A 156 -31.11 -4.25 -12.73
CA THR A 156 -32.55 -4.09 -12.65
C THR A 156 -32.95 -4.13 -11.17
N ALA A 157 -33.81 -3.20 -10.77
CA ALA A 157 -34.35 -3.20 -9.42
C ALA A 157 -35.87 -3.20 -9.49
N GLY A 158 -36.52 -3.97 -8.62
CA GLY A 158 -37.96 -4.13 -8.69
C GLY A 158 -38.59 -4.32 -7.32
N LEU A 159 -39.81 -3.84 -7.19
CA LEU A 159 -40.58 -3.94 -5.96
C LEU A 159 -41.55 -5.11 -6.03
N SER A 160 -42.15 -5.43 -4.87
CA SER A 160 -43.08 -6.54 -4.81
C SER A 160 -44.34 -6.30 -5.63
N ASN A 161 -44.57 -5.07 -6.10
CA ASN A 161 -45.72 -4.76 -6.92
C ASN A 161 -45.44 -4.87 -8.41
N SER A 162 -44.28 -5.40 -8.80
CA SER A 162 -43.83 -5.67 -10.16
C SER A 162 -43.16 -4.45 -10.80
N GLN A 163 -43.20 -3.28 -10.18
CA GLN A 163 -42.54 -2.11 -10.77
C GLN A 163 -41.03 -2.34 -10.82
N THR A 164 -40.40 -1.94 -11.94
CA THR A 164 -38.96 -2.09 -12.06
C THR A 164 -38.37 -0.88 -12.77
N ILE A 165 -37.09 -0.64 -12.48
CA ILE A 165 -36.27 0.30 -13.22
C ILE A 165 -34.95 -0.39 -13.55
N LYS A 166 -34.21 0.20 -14.49
CA LYS A 166 -32.92 -0.35 -14.86
C LYS A 166 -31.92 0.77 -15.06
N PHE A 167 -30.66 0.49 -14.72
CA PHE A 167 -29.58 1.42 -15.02
C PHE A 167 -28.30 0.62 -15.16
N SER A 168 -27.34 1.19 -15.89
CA SER A 168 -26.16 0.45 -16.35
C SER A 168 -24.90 1.28 -16.21
N PRO A 169 -24.37 1.42 -14.99
CA PRO A 169 -23.08 2.10 -14.83
C PRO A 169 -21.96 1.33 -15.52
N THR A 170 -20.92 2.06 -15.89
CA THR A 170 -19.75 1.47 -16.54
C THR A 170 -18.56 1.51 -15.58
N ILE A 171 -17.62 0.60 -15.82
CA ILE A 171 -16.40 0.46 -15.02
C ILE A 171 -15.20 0.51 -15.94
N SER A 172 -14.26 1.41 -15.64
CA SER A 172 -12.98 1.49 -16.33
C SER A 172 -11.94 0.71 -15.54
N TYR A 173 -11.32 -0.31 -16.19
CA TYR A 173 -10.41 -1.24 -15.52
C TYR A 173 -8.95 -0.91 -15.83
N PRO A 174 -8.05 -1.12 -14.87
CA PRO A 174 -6.63 -1.23 -15.22
C PRO A 174 -6.42 -2.47 -16.09
N SER A 175 -5.34 -2.46 -16.86
CA SER A 175 -5.08 -3.59 -17.74
C SER A 175 -4.36 -4.71 -17.00
N GLY A 176 -4.51 -5.92 -17.53
CA GLY A 176 -3.73 -7.05 -17.04
C GLY A 176 -4.43 -7.82 -15.93
N THR A 177 -3.67 -8.76 -15.38
CA THR A 177 -4.21 -9.63 -14.34
C THR A 177 -4.57 -8.81 -13.10
N PRO A 178 -5.76 -8.97 -12.54
CA PRO A 178 -6.11 -8.26 -11.32
C PRO A 178 -5.53 -8.95 -10.10
N PRO A 179 -5.54 -8.28 -8.95
CA PRO A 179 -5.20 -8.95 -7.69
C PRO A 179 -6.12 -10.15 -7.48
N ALA A 180 -5.65 -11.07 -6.63
CA ALA A 180 -6.40 -12.31 -6.42
C ALA A 180 -7.84 -12.03 -6.02
N ASN A 181 -8.05 -11.01 -5.20
CA ASN A 181 -9.40 -10.68 -4.72
C ASN A 181 -10.12 -9.65 -5.58
N GLY A 182 -9.60 -9.35 -6.78
CA GLY A 182 -10.22 -8.37 -7.64
C GLY A 182 -9.60 -7.00 -7.48
N TRP A 183 -10.02 -6.09 -8.37
CA TRP A 183 -9.53 -4.71 -8.34
C TRP A 183 -10.22 -3.93 -7.23
N PRO A 184 -9.48 -3.10 -6.48
CA PRO A 184 -10.14 -2.07 -5.69
C PRO A 184 -10.88 -1.15 -6.64
N LEU A 185 -11.93 -0.51 -6.15
CA LEU A 185 -12.84 0.25 -7.01
C LEU A 185 -13.26 1.54 -6.35
N ILE A 186 -13.28 2.63 -7.11
CA ILE A 186 -13.88 3.87 -6.64
C ILE A 186 -15.12 4.15 -7.47
N ILE A 187 -16.25 4.29 -6.78
CA ILE A 187 -17.50 4.75 -7.39
C ILE A 187 -17.44 6.26 -7.46
N ALA A 188 -17.36 6.80 -8.67
CA ALA A 188 -17.17 8.23 -8.87
C ALA A 188 -18.47 8.83 -9.39
N TYR A 189 -19.11 9.67 -8.58
CA TYR A 189 -20.31 10.37 -9.01
C TYR A 189 -20.00 11.20 -10.26
N GLU A 190 -20.59 10.83 -11.39
CA GLU A 190 -20.38 11.52 -12.67
C GLU A 190 -18.89 11.69 -12.99
N GLY A 191 -18.09 10.69 -12.61
CA GLY A 191 -16.69 10.64 -12.92
C GLY A 191 -15.78 11.21 -11.85
N GLY A 192 -16.33 11.99 -10.91
CA GLY A 192 -15.52 12.63 -9.90
C GLY A 192 -14.56 13.67 -10.46
N SER A 193 -13.82 14.31 -9.56
CA SER A 193 -12.80 15.28 -9.97
C SER A 193 -11.47 15.07 -9.24
N ILE A 194 -11.21 13.86 -8.74
CA ILE A 194 -9.90 13.53 -8.17
C ILE A 194 -9.13 12.66 -9.15
N PRO A 195 -7.80 12.70 -9.14
CA PRO A 195 -7.01 11.72 -9.90
C PRO A 195 -7.09 10.36 -9.21
N ILE A 196 -7.38 9.34 -10.00
CA ILE A 196 -7.52 7.97 -9.52
C ILE A 196 -6.22 7.23 -9.83
N PRO A 197 -5.57 6.61 -8.85
CA PRO A 197 -4.31 5.91 -9.14
C PRO A 197 -4.53 4.75 -10.11
N ALA A 198 -3.44 4.33 -10.75
CA ALA A 198 -3.57 3.43 -11.91
C ALA A 198 -4.01 2.02 -11.52
N GLY A 199 -3.81 1.59 -10.28
CA GLY A 199 -4.22 0.25 -9.90
C GLY A 199 -5.63 0.16 -9.32
N VAL A 200 -6.43 1.20 -9.51
CA VAL A 200 -7.79 1.26 -8.97
C VAL A 200 -8.76 1.40 -10.13
N ALA A 201 -9.79 0.55 -10.16
CA ALA A 201 -10.84 0.70 -11.16
C ALA A 201 -11.78 1.84 -10.79
N THR A 202 -12.40 2.45 -11.80
CA THR A 202 -13.33 3.56 -11.61
C THR A 202 -14.70 3.16 -12.16
N LEU A 203 -15.72 3.23 -11.31
CA LEU A 203 -17.09 3.09 -11.77
C LEU A 203 -17.71 4.47 -11.89
N THR A 204 -18.24 4.78 -13.08
CA THR A 204 -18.89 6.07 -13.31
C THR A 204 -20.38 5.93 -13.03
N TYR A 205 -20.84 6.64 -12.01
CA TYR A 205 -22.23 6.61 -11.57
C TYR A 205 -22.93 7.88 -12.03
N SER A 206 -23.95 7.74 -12.89
CA SER A 206 -24.73 8.89 -13.33
C SER A 206 -25.82 9.17 -12.29
N ASN A 207 -25.41 9.79 -11.18
CA ASN A 207 -26.37 10.01 -10.10
C ASN A 207 -27.51 10.92 -10.57
N SER A 208 -27.25 11.87 -11.47
CA SER A 208 -28.30 12.78 -11.91
C SER A 208 -29.42 12.03 -12.61
N ASP A 209 -29.12 10.92 -13.27
CA ASP A 209 -30.20 10.13 -13.86
C ASP A 209 -30.99 9.39 -12.79
N MET A 210 -30.34 8.98 -11.70
CA MET A 210 -31.07 8.34 -10.60
C MET A 210 -32.00 9.34 -9.92
N ALA A 211 -31.56 10.58 -9.75
CA ALA A 211 -32.41 11.63 -9.19
C ALA A 211 -31.93 12.96 -9.74
N GLN A 212 -32.78 13.64 -10.52
CA GLN A 212 -32.45 14.90 -11.18
CA GLN A 212 -32.33 14.85 -11.17
C GLN A 212 -32.14 15.99 -10.16
N GLN A 213 -31.33 16.97 -10.56
CA GLN A 213 -30.89 18.01 -9.64
C GLN A 213 -30.59 19.31 -10.38
N ASN A 214 -31.50 19.70 -11.29
CA ASN A 214 -31.33 20.98 -11.98
C ASN A 214 -31.68 22.17 -11.09
N SER A 215 -32.77 22.08 -10.36
CA SER A 215 -33.29 23.18 -9.56
C SER A 215 -34.42 22.63 -8.72
N ALA A 216 -35.14 23.50 -8.02
CA ALA A 216 -36.35 23.07 -7.32
C ALA A 216 -37.35 22.41 -8.26
N SER A 217 -37.30 22.70 -9.56
CA SER A 217 -38.20 22.07 -10.52
C SER A 217 -37.99 20.56 -10.64
N SER A 218 -36.87 20.04 -10.17
CA SER A 218 -36.53 18.64 -10.37
C SER A 218 -37.15 17.73 -9.31
N ARG A 219 -37.96 18.27 -8.41
CA ARG A 219 -38.45 17.48 -7.27
C ARG A 219 -39.15 16.21 -7.74
N GLY A 220 -38.68 15.07 -7.24
CA GLY A 220 -39.34 13.81 -7.55
C GLY A 220 -39.10 13.27 -8.94
N GLN A 221 -38.12 13.81 -9.68
CA GLN A 221 -37.82 13.33 -11.02
C GLN A 221 -36.53 12.53 -11.02
N GLY A 222 -36.53 11.44 -11.79
CA GLY A 222 -35.38 10.56 -11.90
C GLY A 222 -35.78 9.10 -11.78
N LEU A 223 -34.82 8.23 -12.11
CA LEU A 223 -35.12 6.79 -12.15
C LEU A 223 -35.65 6.29 -10.81
N PHE A 224 -35.04 6.73 -9.71
CA PHE A 224 -35.49 6.30 -8.38
C PHE A 224 -36.98 6.51 -8.20
N TYR A 225 -37.49 7.66 -8.66
CA TYR A 225 -38.90 7.97 -8.49
C TYR A 225 -39.78 7.24 -9.51
N GLN A 226 -39.20 6.75 -10.61
CA GLN A 226 -39.94 5.85 -11.48
C GLN A 226 -40.11 4.47 -10.87
N LEU A 227 -39.40 4.17 -9.79
CA LEU A 227 -39.66 2.95 -9.03
C LEU A 227 -40.56 3.19 -7.83
N TYR A 228 -40.23 4.21 -7.02
CA TYR A 228 -40.89 4.44 -5.73
C TYR A 228 -42.01 5.48 -5.79
N GLY A 229 -42.13 6.24 -6.86
CA GLY A 229 -43.16 7.27 -6.99
C GLY A 229 -42.58 8.66 -6.82
N SER A 230 -43.08 9.61 -7.60
CA SER A 230 -42.53 10.97 -7.57
C SER A 230 -42.77 11.69 -6.24
N THR A 231 -43.70 11.22 -5.40
CA THR A 231 -43.94 11.87 -4.12
C THR A 231 -43.22 11.17 -2.96
N HIS A 232 -42.36 10.19 -3.25
CA HIS A 232 -41.58 9.54 -2.19
C HIS A 232 -40.70 10.57 -1.50
N SER A 233 -40.61 10.48 -0.16
CA SER A 233 -39.94 11.53 0.59
C SER A 233 -38.42 11.59 0.37
N ALA A 234 -37.80 10.53 -0.14
CA ALA A 234 -36.36 10.56 -0.37
C ALA A 234 -35.92 11.83 -1.11
N SER A 235 -34.95 12.54 -0.54
CA SER A 235 -34.29 13.61 -1.25
C SER A 235 -33.54 13.05 -2.46
N ALA A 236 -33.08 13.93 -3.34
CA ALA A 236 -32.26 13.46 -4.45
C ALA A 236 -31.00 12.76 -3.94
N MET A 237 -30.38 13.28 -2.87
CA MET A 237 -29.16 12.65 -2.38
C MET A 237 -29.43 11.27 -1.77
N THR A 238 -30.59 11.11 -1.13
CA THR A 238 -30.97 9.82 -0.58
C THR A 238 -31.26 8.82 -1.69
N ALA A 239 -31.97 9.26 -2.74
CA ALA A 239 -32.11 8.45 -3.94
C ALA A 239 -30.75 8.03 -4.51
N TRP A 240 -29.78 8.97 -4.54
CA TRP A 240 -28.46 8.62 -5.04
C TRP A 240 -27.82 7.52 -4.20
N VAL A 241 -27.91 7.63 -2.87
CA VAL A 241 -27.39 6.58 -1.99
C VAL A 241 -28.00 5.23 -2.34
N TRP A 242 -29.33 5.19 -2.42
CA TRP A 242 -30.03 3.96 -2.79
C TRP A 242 -29.42 3.35 -4.05
N GLY A 243 -29.13 4.18 -5.04
CA GLY A 243 -28.50 3.66 -6.26
C GLY A 243 -27.14 3.06 -6.01
N VAL A 244 -26.31 3.72 -5.18
CA VAL A 244 -25.01 3.16 -4.84
C VAL A 244 -25.18 1.82 -4.15
N SER A 245 -26.15 1.73 -3.25
CA SER A 245 -26.38 0.45 -2.57
C SER A 245 -26.76 -0.65 -3.56
N ARG A 246 -27.53 -0.31 -4.61
CA ARG A 246 -27.86 -1.31 -5.62
C ARG A 246 -26.65 -1.69 -6.44
N ILE A 247 -25.74 -0.75 -6.69
CA ILE A 247 -24.50 -1.05 -7.40
C ILE A 247 -23.66 -2.04 -6.60
N ILE A 248 -23.53 -1.81 -5.29
CA ILE A 248 -22.73 -2.72 -4.49
C ILE A 248 -23.41 -4.09 -4.36
N ASP A 249 -24.74 -4.13 -4.23
CA ASP A 249 -25.47 -5.39 -4.36
C ASP A 249 -25.09 -6.10 -5.66
N ALA A 250 -25.12 -5.36 -6.77
CA ALA A 250 -24.87 -5.99 -8.07
C ALA A 250 -23.44 -6.51 -8.16
N LEU A 251 -22.47 -5.78 -7.59
CA LEU A 251 -21.09 -6.26 -7.56
C LEU A 251 -20.95 -7.51 -6.70
N GLU A 252 -21.62 -7.56 -5.54
CA GLU A 252 -21.60 -8.78 -4.74
C GLU A 252 -22.15 -9.96 -5.52
N MET A 253 -23.17 -9.72 -6.34
CA MET A 253 -23.80 -10.78 -7.11
C MET A 253 -23.04 -11.11 -8.39
N THR A 254 -22.01 -10.35 -8.73
CA THR A 254 -21.36 -10.45 -10.04
C THR A 254 -19.85 -10.56 -9.85
N PRO A 255 -19.38 -11.68 -9.33
CA PRO A 255 -17.92 -11.85 -9.18
C PRO A 255 -17.15 -11.74 -10.49
N THR A 256 -17.81 -11.96 -11.64
CA THR A 256 -17.11 -11.84 -12.92
C THR A 256 -16.72 -10.40 -13.23
N ALA A 257 -17.26 -9.42 -12.50
CA ALA A 257 -16.77 -8.05 -12.65
C ALA A 257 -15.40 -7.86 -12.01
N GLN A 258 -14.89 -8.85 -11.27
CA GLN A 258 -13.52 -8.86 -10.76
C GLN A 258 -13.23 -7.63 -9.89
N ILE A 259 -14.18 -7.26 -9.05
CA ILE A 259 -14.01 -6.16 -8.11
C ILE A 259 -13.84 -6.73 -6.71
N ASN A 260 -12.88 -6.19 -5.96
CA ASN A 260 -12.75 -6.55 -4.55
C ASN A 260 -13.83 -5.79 -3.81
N THR A 261 -14.90 -6.48 -3.43
CA THR A 261 -16.03 -5.80 -2.81
C THR A 261 -15.71 -5.29 -1.41
N GLN A 262 -14.58 -5.68 -0.83
CA GLN A 262 -14.13 -5.16 0.46
C GLN A 262 -13.30 -3.90 0.31
N ARG A 263 -13.05 -3.46 -0.92
CA ARG A 263 -12.19 -2.31 -1.18
C ARG A 263 -12.86 -1.39 -2.19
N ILE A 264 -14.04 -0.91 -1.83
CA ILE A 264 -14.82 0.02 -2.64
C ILE A 264 -14.80 1.39 -1.98
N GLY A 265 -14.43 2.43 -2.74
CA GLY A 265 -14.53 3.80 -2.29
C GLY A 265 -15.59 4.56 -3.07
N VAL A 266 -15.85 5.79 -2.63
CA VAL A 266 -16.81 6.68 -3.29
C VAL A 266 -16.25 8.10 -3.29
N THR A 267 -16.48 8.83 -4.39
CA THR A 267 -16.02 10.21 -4.46
C THR A 267 -16.97 11.01 -5.33
N GLY A 268 -16.95 12.32 -5.12
CA GLY A 268 -17.65 13.27 -5.98
C GLY A 268 -17.26 14.67 -5.59
N CYS A 269 -17.48 15.61 -6.51
CA CYS A 269 -17.09 17.00 -6.29
C CYS A 269 -18.31 17.90 -6.34
N SER A 270 -18.28 18.95 -5.52
CA SER A 270 -19.32 19.99 -5.50
C SER A 270 -20.64 19.33 -5.11
N ARG A 271 -21.72 19.52 -5.87
CA ARG A 271 -22.99 18.91 -5.45
C ARG A 271 -22.85 17.40 -5.40
N ASP A 272 -22.03 16.81 -6.27
CA ASP A 272 -21.77 15.37 -6.19
C ASP A 272 -20.90 14.99 -5.01
N GLY A 273 -20.16 15.96 -4.44
CA GLY A 273 -19.46 15.70 -3.20
C GLY A 273 -20.40 15.66 -2.01
N LYS A 274 -21.42 16.51 -2.00
CA LYS A 274 -22.49 16.31 -1.02
C LYS A 274 -23.04 14.90 -1.16
N GLY A 275 -23.26 14.47 -2.39
CA GLY A 275 -23.79 13.13 -2.60
C GLY A 275 -22.85 12.05 -2.10
N ALA A 276 -21.54 12.17 -2.38
CA ALA A 276 -20.58 11.15 -1.97
C ALA A 276 -20.50 11.02 -0.45
N LEU A 277 -20.55 12.14 0.26
CA LEU A 277 -20.59 12.05 1.72
C LEU A 277 -21.81 11.30 2.20
N MET A 278 -22.98 11.60 1.63
CA MET A 278 -24.19 10.87 1.99
C MET A 278 -24.02 9.37 1.74
N ALA A 279 -23.44 9.01 0.58
CA ALA A 279 -23.24 7.60 0.26
C ALA A 279 -22.36 6.91 1.30
N GLY A 280 -21.20 7.49 1.59
CA GLY A 280 -20.30 6.87 2.56
C GLY A 280 -20.94 6.76 3.94
N ALA A 281 -21.69 7.78 4.33
CA ALA A 281 -22.31 7.77 5.65
C ALA A 281 -23.34 6.65 5.75
N PHE A 282 -24.22 6.54 4.76
CA PHE A 282 -25.35 5.63 4.87
C PHE A 282 -25.07 4.22 4.38
N GLU A 283 -24.09 4.02 3.50
CA GLU A 283 -23.87 2.70 2.89
C GLU A 283 -22.60 2.12 3.51
N GLU A 284 -22.77 1.24 4.50
CA GLU A 284 -21.65 0.76 5.30
C GLU A 284 -20.65 -0.09 4.52
N ARG A 285 -20.98 -0.52 3.31
CA ARG A 285 -20.01 -1.34 2.59
C ARG A 285 -18.95 -0.51 1.90
N ILE A 286 -18.97 0.82 2.04
CA ILE A 286 -17.97 1.66 1.41
C ILE A 286 -16.77 1.80 2.36
N ALA A 287 -15.60 1.35 1.91
CA ALA A 287 -14.40 1.38 2.73
C ALA A 287 -13.77 2.76 2.84
N LEU A 288 -13.91 3.61 1.82
CA LEU A 288 -13.27 4.93 1.84
C LEU A 288 -14.15 5.95 1.14
N THR A 289 -14.43 7.06 1.83
CA THR A 289 -15.31 8.12 1.33
C THR A 289 -14.48 9.37 1.06
N ILE A 290 -14.62 9.95 -0.13
CA ILE A 290 -13.79 11.10 -0.49
C ILE A 290 -14.66 12.24 -1.04
N PRO A 291 -15.27 13.07 -0.18
CA PRO A 291 -16.03 14.23 -0.69
C PRO A 291 -15.09 15.39 -1.00
N GLN A 292 -15.26 15.99 -2.18
CA GLN A 292 -14.38 17.06 -2.66
C GLN A 292 -15.19 18.35 -2.82
N GLU A 293 -14.78 19.41 -2.11
CA GLU A 293 -15.42 20.72 -2.15
C GLU A 293 -16.95 20.61 -2.12
N SER A 294 -17.45 19.89 -1.10
CA SER A 294 -18.88 19.63 -0.99
C SER A 294 -19.65 20.79 -0.37
N GLY A 295 -19.01 21.64 0.43
CA GLY A 295 -19.65 22.87 0.90
C GLY A 295 -20.88 22.64 1.77
N SER A 296 -21.82 23.58 1.67
CA SER A 296 -23.06 23.55 2.45
C SER A 296 -23.91 22.37 2.03
N GLY A 297 -24.44 21.63 3.02
CA GLY A 297 -25.11 20.39 2.75
C GLY A 297 -24.19 19.22 2.54
N GLY A 298 -22.88 19.46 2.53
CA GLY A 298 -21.85 18.43 2.49
C GLY A 298 -21.11 18.41 3.82
N ASP A 299 -19.80 18.65 3.82
CA ASP A 299 -19.06 18.57 5.08
C ASP A 299 -19.11 19.85 5.89
N ALA A 300 -19.94 20.82 5.52
CA ALA A 300 -20.22 21.95 6.40
C ALA A 300 -21.43 21.65 7.28
N CYS A 301 -21.47 22.33 8.43
CA CYS A 301 -22.57 22.17 9.38
C CYS A 301 -23.59 23.28 9.21
N TRP A 302 -24.87 22.95 9.34
CA TRP A 302 -25.93 23.95 9.20
C TRP A 302 -25.78 25.09 10.21
N ARG A 303 -25.55 24.75 11.47
CA ARG A 303 -25.49 25.77 12.51
C ARG A 303 -24.30 26.70 12.30
N LEU A 304 -23.15 26.15 11.88
CA LEU A 304 -21.98 27.00 11.67
C LEU A 304 -22.16 27.90 10.46
N SER A 305 -22.83 27.40 9.41
CA SER A 305 -23.04 28.23 8.23
C SER A 305 -24.03 29.34 8.51
N LYS A 306 -25.01 29.09 9.37
CA LYS A 306 -25.91 30.15 9.81
C LYS A 306 -25.13 31.25 10.53
N TYR A 307 -24.18 30.87 11.36
CA TYR A 307 -23.32 31.85 12.04
C TYR A 307 -22.49 32.64 11.02
N GLU A 308 -21.96 31.96 10.00
CA GLU A 308 -21.19 32.66 8.97
C GLU A 308 -22.05 33.68 8.24
N ILE A 309 -23.26 33.28 7.82
CA ILE A 309 -24.03 34.19 6.98
C ILE A 309 -24.54 35.37 7.80
N ASP A 310 -24.86 35.15 9.09
CA ASP A 310 -25.26 36.24 9.96
C ASP A 310 -24.14 37.24 10.18
N ASN A 311 -22.89 36.83 10.02
CA ASN A 311 -21.76 37.72 10.25
C ASN A 311 -21.10 38.19 8.95
N GLY A 312 -21.80 38.08 7.82
CA GLY A 312 -21.38 38.79 6.63
C GLY A 312 -20.59 37.98 5.61
N ASN A 313 -20.29 36.71 5.89
CA ASN A 313 -19.69 35.84 4.88
C ASN A 313 -20.79 35.42 3.90
N GLN A 314 -20.49 35.48 2.60
CA GLN A 314 -21.53 35.18 1.60
C GLN A 314 -21.52 33.67 1.32
N VAL A 315 -22.03 32.93 2.31
CA VAL A 315 -22.03 31.48 2.27
C VAL A 315 -23.38 30.96 1.80
N GLN A 316 -23.36 29.74 1.27
CA GLN A 316 -24.59 28.97 1.13
C GLN A 316 -25.02 28.46 2.51
N ASP A 317 -26.32 28.54 2.79
CA ASP A 317 -26.83 28.12 4.09
C ASP A 317 -28.11 27.33 3.89
N ALA A 318 -28.65 26.80 5.00
CA ALA A 318 -29.82 25.93 4.94
C ALA A 318 -31.01 26.62 4.30
N VAL A 319 -31.22 27.91 4.62
CA VAL A 319 -32.40 28.60 4.11
C VAL A 319 -32.33 28.70 2.58
N GLU A 320 -31.17 29.06 2.04
CA GLU A 320 -31.05 29.21 0.59
C GLU A 320 -31.05 27.85 -0.12
N ILE A 321 -30.45 26.84 0.50
CA ILE A 321 -30.17 25.60 -0.25
C ILE A 321 -31.46 24.85 -0.57
N VAL A 322 -32.46 24.90 0.32
CA VAL A 322 -33.70 24.17 0.05
C VAL A 322 -34.51 24.83 -1.06
N GLY A 323 -34.27 26.12 -1.33
CA GLY A 323 -34.95 26.75 -2.45
C GLY A 323 -34.21 26.59 -3.75
N GLU A 324 -32.93 26.23 -3.68
CA GLU A 324 -32.09 26.15 -4.86
C GLU A 324 -32.19 24.81 -5.58
N ASN A 325 -32.46 23.72 -4.86
CA ASN A 325 -32.37 22.41 -5.50
C ASN A 325 -33.16 21.41 -4.64
N VAL A 326 -32.96 20.12 -4.91
CA VAL A 326 -33.78 19.09 -4.29
C VAL A 326 -32.87 18.09 -3.57
N TRP A 327 -31.72 18.58 -3.09
CA TRP A 327 -30.78 17.71 -2.39
C TRP A 327 -31.29 17.29 -1.00
N PHE A 328 -32.36 17.90 -0.51
CA PHE A 328 -32.89 17.56 0.81
C PHE A 328 -34.39 17.31 0.70
N SER A 329 -34.95 16.68 1.72
CA SER A 329 -36.37 16.37 1.71
C SER A 329 -37.20 17.64 1.81
N THR A 330 -38.44 17.57 1.33
CA THR A 330 -39.29 18.75 1.46
C THR A 330 -39.56 19.05 2.93
N ASN A 331 -39.49 18.02 3.79
CA ASN A 331 -39.69 18.23 5.22
C ASN A 331 -38.61 19.13 5.81
N PHE A 332 -37.40 19.14 5.24
CA PHE A 332 -36.35 19.99 5.76
C PHE A 332 -36.77 21.46 5.77
N ASN A 333 -37.60 21.87 4.79
CA ASN A 333 -38.09 23.25 4.76
C ASN A 333 -38.68 23.68 6.09
N ASN A 334 -39.28 22.73 6.84
CA ASN A 334 -39.88 23.09 8.12
C ASN A 334 -38.85 23.41 9.19
N TYR A 335 -37.56 23.13 8.97
CA TYR A 335 -36.55 23.31 10.00
C TYR A 335 -35.47 24.32 9.66
N VAL A 336 -35.38 24.77 8.40
CA VAL A 336 -34.22 25.58 8.02
C VAL A 336 -34.17 26.92 8.74
N GLN A 337 -35.31 27.43 9.21
CA GLN A 337 -35.34 28.63 10.05
C GLN A 337 -35.25 28.30 11.54
N LYS A 338 -35.16 27.03 11.91
CA LYS A 338 -35.20 26.61 13.30
C LYS A 338 -34.12 25.57 13.58
N LEU A 339 -32.93 25.82 13.05
CA LEU A 339 -31.86 24.83 13.13
C LEU A 339 -31.58 24.31 14.54
N PRO A 340 -31.67 25.13 15.61
CA PRO A 340 -31.40 24.57 16.95
C PRO A 340 -32.33 23.44 17.35
N THR A 341 -33.52 23.32 16.73
CA THR A 341 -34.45 22.24 17.07
C THR A 341 -34.13 20.94 16.35
N VAL A 342 -33.16 20.93 15.44
CA VAL A 342 -32.79 19.74 14.69
C VAL A 342 -31.78 18.95 15.52
N PRO A 343 -32.08 17.70 15.90
CA PRO A 343 -31.20 16.96 16.81
C PRO A 343 -30.03 16.26 16.11
N GLU A 344 -29.54 16.87 15.04
CA GLU A 344 -28.37 16.40 14.32
C GLU A 344 -27.77 17.61 13.61
N ASP A 345 -26.52 17.46 13.18
CA ASP A 345 -25.94 18.33 12.18
C ASP A 345 -24.99 17.48 11.34
N HIS A 346 -24.33 18.11 10.37
CA HIS A 346 -23.58 17.27 9.44
C HIS A 346 -22.27 16.74 10.03
N HIS A 347 -21.89 17.16 11.24
CA HIS A 347 -20.82 16.46 11.92
C HIS A 347 -21.25 15.04 12.29
N LEU A 348 -22.54 14.86 12.64
CA LEU A 348 -23.04 13.51 12.90
C LEU A 348 -23.22 12.74 11.59
N LEU A 349 -23.63 13.42 10.53
CA LEU A 349 -23.68 12.78 9.23
C LEU A 349 -22.31 12.21 8.87
N ALA A 350 -21.27 13.05 8.97
CA ALA A 350 -19.92 12.58 8.67
C ALA A 350 -19.51 11.45 9.61
N ALA A 351 -19.84 11.57 10.90
CA ALA A 351 -19.46 10.53 11.85
C ALA A 351 -20.13 9.19 11.55
N MET A 352 -21.23 9.18 10.78
CA MET A 352 -21.81 7.90 10.37
C MET A 352 -20.83 7.06 9.56
N VAL A 353 -19.80 7.68 8.97
CA VAL A 353 -18.81 6.88 8.26
C VAL A 353 -18.00 6.04 9.24
N ALA A 354 -17.76 6.54 10.45
CA ALA A 354 -16.97 5.79 11.41
C ALA A 354 -17.64 4.45 11.72
N PRO A 355 -16.85 3.37 11.94
CA PRO A 355 -15.38 3.34 12.03
C PRO A 355 -14.64 3.13 10.69
N ARG A 356 -15.31 3.37 9.58
CA ARG A 356 -14.66 3.28 8.28
C ARG A 356 -13.92 4.59 8.00
N ALA A 357 -13.31 4.69 6.82
CA ALA A 357 -12.38 5.78 6.56
C ALA A 357 -12.99 6.88 5.67
N MET A 358 -12.54 8.11 5.91
CA MET A 358 -12.98 9.21 5.07
CA MET A 358 -13.00 9.23 5.10
C MET A 358 -11.95 10.33 5.11
N ILE A 359 -11.73 10.95 3.96
CA ILE A 359 -11.00 12.22 3.91
C ILE A 359 -11.76 13.15 2.97
N SER A 360 -12.04 14.36 3.44
CA SER A 360 -12.70 15.35 2.60
C SER A 360 -11.77 16.53 2.37
N PHE A 361 -11.99 17.19 1.24
CA PHE A 361 -11.11 18.25 0.75
C PHE A 361 -11.95 19.50 0.55
N GLU A 362 -11.46 20.65 1.02
CA GLU A 362 -12.19 21.88 0.86
C GLU A 362 -11.29 22.97 0.31
N ASN A 363 -11.94 24.06 -0.12
CA ASN A 363 -11.32 25.14 -0.86
C ASN A 363 -11.80 26.46 -0.25
N THR A 364 -10.86 27.24 0.30
CA THR A 364 -11.21 28.49 0.95
C THR A 364 -11.37 29.65 -0.03
N ASP A 365 -11.12 29.43 -1.32
CA ASP A 365 -11.28 30.52 -2.27
C ASP A 365 -12.73 30.95 -2.45
N TYR A 366 -13.68 30.06 -2.14
CA TYR A 366 -15.10 30.30 -2.42
C TYR A 366 -15.87 30.33 -1.09
N LEU A 367 -16.24 31.54 -0.63
CA LEU A 367 -16.99 31.62 0.63
C LEU A 367 -18.33 30.92 0.50
N TRP A 368 -18.86 30.76 -0.71
CA TRP A 368 -20.10 29.99 -0.88
C TRP A 368 -20.01 28.62 -0.23
N LEU A 369 -18.81 28.02 -0.24
CA LEU A 369 -18.64 26.69 0.35
C LEU A 369 -18.65 26.71 1.87
N SER A 370 -18.67 27.89 2.50
CA SER A 370 -18.73 28.01 3.96
C SER A 370 -17.49 27.41 4.62
N PRO A 371 -16.31 28.01 4.39
CA PRO A 371 -15.05 27.37 4.84
C PRO A 371 -14.95 27.11 6.34
N MET A 372 -15.26 28.09 7.18
CA MET A 372 -15.15 27.85 8.62
C MET A 372 -16.08 26.73 9.05
N SER A 373 -17.28 26.69 8.47
CA SER A 373 -18.24 25.67 8.84
C SER A 373 -17.70 24.27 8.57
N SER A 374 -17.04 24.08 7.43
CA SER A 374 -16.48 22.75 7.14
C SER A 374 -15.39 22.37 8.14
N PHE A 375 -14.50 23.32 8.46
CA PHE A 375 -13.43 22.98 9.40
C PHE A 375 -14.00 22.63 10.77
N GLY A 376 -14.92 23.46 11.28
CA GLY A 376 -15.47 23.20 12.59
C GLY A 376 -16.32 21.94 12.61
N CYS A 377 -17.10 21.74 11.55
CA CYS A 377 -17.95 20.55 11.43
C CYS A 377 -17.10 19.29 11.42
N MET A 378 -16.04 19.26 10.61
CA MET A 378 -15.21 18.06 10.55
C MET A 378 -14.35 17.91 11.80
N THR A 379 -13.96 19.02 12.44
CA THR A 379 -13.30 18.92 13.73
C THR A 379 -14.22 18.26 14.75
N ALA A 380 -15.50 18.63 14.75
CA ALA A 380 -16.47 17.99 15.64
C ALA A 380 -16.67 16.53 15.30
N ALA A 381 -16.83 16.21 14.00
CA ALA A 381 -16.98 14.82 13.59
C ALA A 381 -15.76 14.00 13.98
N HIS A 382 -14.57 14.60 13.87
CA HIS A 382 -13.32 13.91 14.17
C HIS A 382 -13.31 13.32 15.57
N THR A 383 -14.02 13.95 16.52
CA THR A 383 -13.99 13.44 17.89
C THR A 383 -14.56 12.03 17.98
N VAL A 384 -15.45 11.65 17.06
CA VAL A 384 -15.98 10.29 17.10
C VAL A 384 -14.89 9.28 16.76
N TRP A 385 -14.13 9.53 15.70
CA TRP A 385 -13.01 8.65 15.40
C TRP A 385 -12.00 8.67 16.55
N GLN A 386 -11.77 9.84 17.15
CA GLN A 386 -10.87 9.92 18.31
C GLN A 386 -11.37 9.03 19.45
N GLY A 387 -12.67 9.12 19.73
CA GLY A 387 -13.24 8.32 20.81
C GLY A 387 -13.20 6.83 20.52
N LEU A 388 -13.22 6.46 19.24
CA LEU A 388 -13.11 5.06 18.85
C LEU A 388 -11.67 4.59 18.73
N GLY A 389 -10.69 5.47 19.01
CA GLY A 389 -9.30 5.08 18.95
C GLY A 389 -8.74 4.95 17.55
N ILE A 390 -9.36 5.58 16.56
CA ILE A 390 -8.94 5.45 15.17
C ILE A 390 -8.95 6.83 14.52
N ALA A 391 -8.35 7.82 15.18
CA ALA A 391 -8.37 9.18 14.67
C ALA A 391 -7.84 9.26 13.24
N ASP A 392 -6.81 8.47 12.93
CA ASP A 392 -6.17 8.58 11.61
CA ASP A 392 -6.17 8.57 11.61
C ASP A 392 -7.01 7.96 10.49
N SER A 393 -8.19 7.40 10.77
CA SER A 393 -9.06 6.98 9.68
C SER A 393 -9.89 8.12 9.12
N HIS A 394 -9.78 9.33 9.69
CA HIS A 394 -10.58 10.47 9.26
C HIS A 394 -9.64 11.61 8.96
N GLY A 395 -9.69 12.14 7.73
CA GLY A 395 -8.82 13.22 7.33
C GLY A 395 -9.62 14.39 6.80
N PHE A 396 -8.97 15.56 6.82
CA PHE A 396 -9.55 16.79 6.32
C PHE A 396 -8.40 17.66 5.86
N ALA A 397 -8.49 18.19 4.63
CA ALA A 397 -7.46 19.08 4.10
C ALA A 397 -8.14 20.24 3.41
N GLN A 398 -7.83 21.45 3.85
CA GLN A 398 -8.50 22.65 3.40
C GLN A 398 -7.46 23.68 2.98
N VAL A 399 -7.47 24.06 1.72
CA VAL A 399 -6.48 24.95 1.14
C VAL A 399 -7.20 25.96 0.25
N GLY A 400 -6.44 26.95 -0.23
CA GLY A 400 -6.95 27.86 -1.23
C GLY A 400 -6.09 27.83 -2.48
N GLY A 401 -6.33 28.76 -3.40
CA GLY A 401 -5.43 28.95 -4.52
C GLY A 401 -5.71 28.11 -5.75
N HIS A 402 -6.95 27.67 -5.96
CA HIS A 402 -7.27 26.91 -7.16
C HIS A 402 -8.78 27.00 -7.44
N ALA A 403 -9.14 26.75 -8.70
CA ALA A 403 -10.52 26.84 -9.13
C ALA A 403 -11.36 25.71 -8.51
N HIS A 404 -12.67 25.95 -8.46
CA HIS A 404 -13.61 24.99 -7.88
C HIS A 404 -13.58 23.68 -8.68
N CYS A 405 -13.29 22.58 -7.98
CA CYS A 405 -13.18 21.22 -8.51
C CYS A 405 -11.94 21.00 -9.37
N ALA A 406 -11.04 21.97 -9.47
CA ALA A 406 -9.71 21.70 -9.99
C ALA A 406 -8.90 21.03 -8.88
N TRP A 407 -8.11 20.02 -9.25
CA TRP A 407 -7.38 19.28 -8.23
C TRP A 407 -5.99 19.87 -8.06
N PRO A 408 -5.63 20.37 -6.88
CA PRO A 408 -4.28 20.91 -6.68
C PRO A 408 -3.29 19.78 -6.41
N SER A 409 -2.18 19.77 -7.16
CA SER A 409 -1.18 18.72 -6.99
C SER A 409 -0.62 18.68 -5.58
N SER A 410 -0.69 19.80 -4.84
CA SER A 410 -0.18 19.84 -3.48
C SER A 410 -0.90 18.87 -2.54
N LEU A 411 -2.14 18.49 -2.86
CA LEU A 411 -2.90 17.58 -2.01
C LEU A 411 -2.88 16.14 -2.50
N THR A 412 -2.22 15.85 -3.62
CA THR A 412 -2.17 14.47 -4.08
C THR A 412 -1.54 13.54 -3.06
N PRO A 413 -0.50 13.92 -2.33
CA PRO A 413 0.05 13.02 -1.30
C PRO A 413 -0.97 12.64 -0.25
N GLN A 414 -1.80 13.60 0.21
CA GLN A 414 -2.79 13.30 1.23
C GLN A 414 -3.89 12.39 0.69
N LEU A 415 -4.38 12.69 -0.52
CA LEU A 415 -5.36 11.81 -1.16
C LEU A 415 -4.79 10.40 -1.32
N ASN A 416 -3.58 10.29 -1.87
CA ASN A 416 -2.99 8.97 -2.11
C ASN A 416 -2.72 8.22 -0.82
N ALA A 417 -2.42 8.93 0.27
CA ALA A 417 -2.20 8.23 1.53
C ALA A 417 -3.46 7.44 1.94
N PHE A 418 -4.64 8.05 1.80
CA PHE A 418 -5.87 7.36 2.18
C PHE A 418 -6.21 6.25 1.19
N ILE A 419 -6.02 6.49 -0.09
CA ILE A 419 -6.27 5.41 -1.05
C ILE A 419 -5.29 4.28 -0.82
N ASN A 420 -4.00 4.61 -0.62
CA ASN A 420 -3.00 3.57 -0.40
C ASN A 420 -3.33 2.73 0.81
N ARG A 421 -3.75 3.37 1.91
CA ARG A 421 -3.99 2.61 3.13
C ARG A 421 -5.30 1.82 3.06
N PHE A 422 -6.38 2.46 2.63
CA PHE A 422 -7.70 1.87 2.83
C PHE A 422 -8.24 1.16 1.61
N LEU A 423 -7.67 1.40 0.42
CA LEU A 423 -8.07 0.63 -0.76
C LEU A 423 -6.97 -0.26 -1.32
N LEU A 424 -5.68 0.07 -1.11
CA LEU A 424 -4.59 -0.70 -1.68
C LEU A 424 -3.80 -1.51 -0.66
N ASP A 425 -4.19 -1.48 0.62
CA ASP A 425 -3.63 -2.34 1.66
C ASP A 425 -2.14 -2.06 1.89
N GLN A 426 -1.74 -0.81 1.73
CA GLN A 426 -0.37 -0.43 2.00
C GLN A 426 -0.30 0.20 3.38
N SER A 427 0.90 0.17 3.95
CA SER A 427 1.14 0.70 5.29
C SER A 427 1.39 2.21 5.27
N ALA A 428 0.48 2.96 4.66
CA ALA A 428 0.61 4.41 4.57
C ALA A 428 0.04 5.08 5.80
N THR A 429 0.76 6.06 6.34
CA THR A 429 0.21 6.85 7.43
C THR A 429 -0.81 7.85 6.87
N THR A 430 -1.85 8.13 7.66
CA THR A 430 -2.98 8.91 7.16
C THR A 430 -3.36 9.98 8.17
N ASN A 431 -2.36 10.59 8.80
CA ASN A 431 -2.59 11.70 9.72
C ASN A 431 -2.67 12.97 8.89
N VAL A 432 -3.89 13.38 8.55
CA VAL A 432 -4.13 14.55 7.70
C VAL A 432 -5.27 15.34 8.32
N PHE A 433 -4.96 16.50 8.90
CA PHE A 433 -6.04 17.34 9.42
C PHE A 433 -5.50 18.77 9.44
N THR A 434 -5.72 19.49 8.34
CA THR A 434 -5.03 20.74 8.08
C THR A 434 -5.96 21.76 7.46
N THR A 435 -5.79 23.01 7.85
CA THR A 435 -6.48 24.13 7.24
C THR A 435 -5.54 25.31 7.20
N ASN A 436 -5.85 26.27 6.33
CA ASN A 436 -5.14 27.54 6.32
C ASN A 436 -5.82 28.59 7.17
N ASN A 437 -6.94 28.25 7.81
CA ASN A 437 -7.64 29.19 8.69
C ASN A 437 -8.13 30.44 7.97
N GLN A 438 -8.28 30.40 6.64
CA GLN A 438 -8.73 31.57 5.91
C GLN A 438 -10.25 31.50 5.82
N PHE A 439 -10.90 32.04 6.86
CA PHE A 439 -12.33 31.89 7.08
C PHE A 439 -13.09 33.19 6.87
N GLY A 440 -12.45 34.23 6.36
CA GLY A 440 -13.19 35.45 6.06
C GLY A 440 -13.54 36.21 7.33
N LYS A 441 -14.81 36.53 7.50
CA LYS A 441 -15.23 37.47 8.53
C LYS A 441 -15.52 36.80 9.86
N VAL A 442 -15.31 35.48 9.98
CA VAL A 442 -15.49 34.78 11.24
C VAL A 442 -14.20 34.04 11.59
N GLN A 443 -14.12 33.61 12.84
CA GLN A 443 -13.09 32.68 13.29
C GLN A 443 -13.75 31.41 13.83
N TRP A 444 -12.95 30.34 13.89
CA TRP A 444 -13.38 29.09 14.52
C TRP A 444 -13.02 29.15 16.00
N ASN A 445 -14.01 29.00 16.87
CA ASN A 445 -13.77 28.93 18.31
C ASN A 445 -14.44 27.65 18.79
N ALA A 446 -13.64 26.60 19.00
CA ALA A 446 -14.22 25.29 19.31
C ALA A 446 -15.10 25.35 20.56
N ALA A 447 -14.71 26.14 21.55
CA ALA A 447 -15.47 26.18 22.80
C ALA A 447 -16.88 26.74 22.60
N ASN A 448 -17.12 27.51 21.54
CA ASN A 448 -18.45 28.03 21.27
C ASN A 448 -19.34 27.04 20.53
N TRP A 449 -18.83 25.89 20.14
CA TRP A 449 -19.60 24.98 19.30
C TRP A 449 -19.55 23.54 19.78
N ILE A 450 -18.42 23.10 20.31
CA ILE A 450 -18.25 21.73 20.78
C ILE A 450 -18.33 21.75 22.30
N THR A 451 -19.38 21.10 22.86
CA THR A 451 -19.63 21.13 24.30
C THR A 451 -19.26 19.84 25.02
N TRP A 452 -18.92 18.79 24.28
CA TRP A 452 -18.65 17.50 24.90
C TRP A 452 -17.15 17.29 25.01
N THR A 453 -16.78 16.53 26.02
CA THR A 453 -15.45 15.94 26.06
C THR A 453 -15.51 14.61 25.29
N THR A 454 -14.38 14.20 24.75
CA THR A 454 -14.33 12.98 23.96
C THR A 454 -14.07 11.80 24.88
N PRO A 455 -14.98 10.85 25.00
CA PRO A 455 -14.72 9.68 25.85
C PRO A 455 -13.80 8.70 25.16
N THR A 456 -13.17 7.86 25.97
CA THR A 456 -12.44 6.72 25.44
C THR A 456 -13.41 5.55 25.44
N LEU A 457 -13.99 5.27 24.28
CA LEU A 457 -14.94 4.17 24.16
C LEU A 457 -14.19 2.84 24.25
N THR A 458 -14.74 1.90 25.01
CA THR A 458 -14.02 0.69 25.38
C THR A 458 -14.43 -0.49 24.49
N GLY A 459 -13.61 -1.54 24.53
CA GLY A 459 -13.94 -2.78 23.84
C GLY A 459 -13.46 -2.81 22.41
N LEU A 460 -13.94 -3.81 21.69
CA LEU A 460 -13.53 -4.04 20.30
C LEU A 460 -14.38 -3.27 19.31
N ALA B 80 7.33 -25.30 12.46
CA ALA B 80 8.38 -25.57 13.43
C ALA B 80 8.89 -24.28 14.06
N CYS B 81 8.57 -23.16 13.42
CA CYS B 81 8.95 -21.84 13.92
C CYS B 81 7.77 -21.09 14.52
N GLY B 82 6.60 -21.72 14.60
CA GLY B 82 5.42 -21.02 15.08
C GLY B 82 4.96 -19.95 14.10
N ALA B 83 4.18 -19.01 14.62
CA ALA B 83 3.64 -17.94 13.80
C ALA B 83 4.74 -16.95 13.46
N ILE B 84 5.05 -16.81 12.18
CA ILE B 84 6.14 -15.95 11.75
C ILE B 84 5.68 -14.50 11.81
N ALA B 85 6.45 -13.67 12.51
CA ALA B 85 6.19 -12.23 12.60
C ALA B 85 6.63 -11.54 11.32
N SER B 86 5.73 -10.76 10.73
CA SER B 86 6.08 -9.98 9.54
C SER B 86 6.00 -8.48 9.75
N THR B 87 5.51 -8.03 10.91
CA THR B 87 5.44 -6.63 11.25
C THR B 87 5.79 -6.49 12.71
N VAL B 88 6.50 -5.42 13.05
CA VAL B 88 6.82 -5.13 14.44
C VAL B 88 6.39 -3.68 14.69
N PRO B 89 5.12 -3.45 15.03
CA PRO B 89 4.58 -2.08 14.97
C PRO B 89 5.29 -1.09 15.88
N ASN B 90 5.78 -1.52 17.03
CA ASN B 90 6.38 -0.64 18.02
CA ASN B 90 6.36 -0.57 17.95
C ASN B 90 7.88 -0.49 17.87
N TYR B 91 8.48 -1.07 16.82
CA TYR B 91 9.93 -1.04 16.67
C TYR B 91 10.43 0.39 16.46
N ASN B 92 11.53 0.71 17.13
CA ASN B 92 12.13 2.04 17.01
C ASN B 92 13.56 1.95 17.52
N ASN B 93 14.50 1.80 16.59
CA ASN B 93 15.91 1.58 16.94
C ASN B 93 16.74 2.29 15.90
N ALA B 94 17.46 3.35 16.31
CA ALA B 94 18.27 4.08 15.34
C ALA B 94 19.53 3.32 14.95
N LYS B 95 19.95 2.35 15.74
CA LYS B 95 21.12 1.56 15.41
C LYS B 95 20.67 0.30 14.66
N LEU B 96 21.59 -0.60 14.37
CA LEU B 96 21.25 -1.75 13.53
C LEU B 96 20.45 -2.78 14.31
N PRO B 97 19.36 -3.29 13.75
CA PRO B 97 18.61 -4.38 14.41
C PRO B 97 19.49 -5.57 14.78
N ASP B 98 19.21 -6.16 15.94
CA ASP B 98 19.99 -7.27 16.49
C ASP B 98 19.65 -8.57 15.76
N PRO B 99 20.60 -9.20 15.07
CA PRO B 99 20.27 -10.48 14.41
C PRO B 99 19.85 -11.56 15.38
N PHE B 100 20.34 -11.51 16.62
CA PHE B 100 20.29 -12.65 17.52
C PHE B 100 19.10 -12.64 18.48
N THR B 101 18.09 -11.82 18.23
CA THR B 101 16.88 -11.84 19.03
C THR B 101 15.68 -11.80 18.10
N PHE B 102 14.78 -12.77 18.27
CA PHE B 102 13.52 -12.80 17.53
C PHE B 102 12.67 -11.58 17.85
N ALA B 103 11.72 -11.28 16.94
CA ALA B 103 10.77 -10.19 17.16
C ALA B 103 10.08 -10.29 18.52
N ASN B 104 9.77 -11.51 18.96
CA ASN B 104 9.06 -11.70 20.23
C ASN B 104 9.96 -11.61 21.45
N GLY B 105 11.25 -11.31 21.27
CA GLY B 105 12.16 -11.17 22.39
C GLY B 105 12.93 -12.41 22.77
N THR B 106 12.60 -13.57 22.17
CA THR B 106 13.36 -14.79 22.41
C THR B 106 14.77 -14.66 21.83
N ALA B 107 15.77 -14.91 22.66
CA ALA B 107 17.15 -14.89 22.19
C ALA B 107 17.45 -16.18 21.44
N LEU B 108 18.14 -16.05 20.31
CA LEU B 108 18.66 -17.23 19.63
C LEU B 108 19.72 -17.92 20.50
N ARG B 109 19.69 -19.23 20.52
CA ARG B 109 20.65 -19.98 21.33
C ARG B 109 21.41 -21.03 20.53
N THR B 110 20.75 -21.68 19.59
CA THR B 110 21.32 -22.81 18.85
C THR B 110 21.56 -22.41 17.41
N LYS B 111 22.39 -23.21 16.72
CA LYS B 111 22.55 -22.96 15.29
C LYS B 111 21.24 -23.20 14.54
N ALA B 112 20.46 -24.19 14.97
CA ALA B 112 19.17 -24.47 14.33
C ALA B 112 18.21 -23.30 14.47
N ASP B 113 18.35 -22.50 15.54
CA ASP B 113 17.52 -21.30 15.71
C ASP B 113 17.68 -20.33 14.54
N TRP B 114 18.83 -20.32 13.87
CA TRP B 114 19.00 -19.37 12.77
C TRP B 114 18.02 -19.65 11.65
N SER B 115 17.63 -20.91 11.45
CA SER B 115 16.65 -21.24 10.41
C SER B 115 15.35 -20.49 10.62
N CYS B 116 14.83 -20.49 11.86
CA CYS B 116 13.60 -19.77 12.15
C CYS B 116 13.82 -18.26 12.09
N ARG B 117 14.97 -17.78 12.57
CA ARG B 117 15.20 -16.34 12.54
C ARG B 117 15.31 -15.85 11.10
N ARG B 118 15.98 -16.63 10.25
CA ARG B 118 16.05 -16.29 8.84
C ARG B 118 14.65 -16.22 8.22
N ALA B 119 13.77 -17.16 8.56
CA ALA B 119 12.42 -17.13 8.03
C ALA B 119 11.66 -15.89 8.51
N GLU B 120 11.91 -15.47 9.75
CA GLU B 120 11.31 -14.23 10.24
C GLU B 120 11.86 -13.03 9.49
N ILE B 121 13.17 -12.98 9.27
CA ILE B 121 13.77 -11.88 8.53
C ILE B 121 13.22 -11.82 7.12
N SER B 122 13.05 -12.99 6.49
CA SER B 122 12.41 -13.03 5.17
C SER B 122 11.04 -12.36 5.20
N ALA B 123 10.21 -12.71 6.17
CA ALA B 123 8.86 -12.14 6.24
C ALA B 123 8.93 -10.63 6.49
N LEU B 124 9.84 -10.19 7.36
CA LEU B 124 9.96 -8.76 7.64
C LEU B 124 10.42 -7.99 6.40
N ILE B 125 11.41 -8.52 5.69
CA ILE B 125 11.93 -7.82 4.52
C ILE B 125 10.85 -7.73 3.44
N GLN B 126 10.09 -8.81 3.24
CA GLN B 126 8.98 -8.75 2.29
C GLN B 126 7.97 -7.69 2.70
N ASN B 127 7.64 -7.62 3.99
CA ASN B 127 6.59 -6.71 4.41
C ASN B 127 7.02 -5.25 4.32
N TYR B 128 8.28 -4.96 4.63
CA TYR B 128 8.70 -3.57 4.73
C TYR B 128 9.31 -3.02 3.44
N GLU B 129 10.01 -3.83 2.65
CA GLU B 129 10.73 -3.27 1.50
C GLU B 129 10.71 -4.10 0.22
N ALA B 130 10.47 -5.40 0.25
CA ALA B 130 10.65 -6.21 -0.95
C ALA B 130 9.35 -6.64 -1.63
N GLY B 131 8.21 -6.55 -0.94
CA GLY B 131 6.98 -7.09 -1.47
C GLY B 131 6.96 -8.60 -1.35
N THR B 132 5.85 -9.18 -1.81
CA THR B 132 5.59 -10.60 -1.60
C THR B 132 6.33 -11.47 -2.61
N LEU B 133 7.08 -12.44 -2.10
CA LEU B 133 7.72 -13.43 -2.96
C LEU B 133 6.80 -14.63 -3.11
N PRO B 134 6.14 -14.82 -4.26
CA PRO B 134 5.22 -15.96 -4.40
C PRO B 134 6.00 -17.26 -4.35
N PRO B 135 5.35 -18.35 -3.95
CA PRO B 135 6.00 -19.66 -3.96
C PRO B 135 6.02 -20.22 -5.39
N LYS B 136 6.61 -21.40 -5.53
CA LYS B 136 6.63 -22.08 -6.81
C LYS B 136 5.20 -22.18 -7.37
N PRO B 137 4.99 -21.85 -8.63
CA PRO B 137 3.64 -21.95 -9.21
C PRO B 137 3.29 -23.38 -9.53
N PRO B 138 2.03 -23.66 -9.85
CA PRO B 138 1.62 -25.05 -10.11
C PRO B 138 2.31 -25.72 -11.29
N VAL B 139 2.76 -24.96 -12.28
CA VAL B 139 3.35 -25.52 -13.50
C VAL B 139 4.77 -24.98 -13.63
N VAL B 140 5.75 -25.88 -13.66
CA VAL B 140 7.13 -25.54 -14.00
C VAL B 140 7.67 -26.69 -14.85
N THR B 141 8.10 -26.38 -16.09
CA THR B 141 8.65 -27.39 -16.97
C THR B 141 9.88 -26.83 -17.66
N ALA B 142 10.70 -27.72 -18.19
CA ALA B 142 11.91 -27.26 -18.85
C ALA B 142 12.36 -28.31 -19.85
N SER B 143 12.90 -27.84 -20.97
CA SER B 143 13.57 -28.70 -21.94
C SER B 143 14.94 -28.12 -22.21
N PHE B 144 15.90 -29.01 -22.50
CA PHE B 144 17.29 -28.60 -22.65
C PHE B 144 17.80 -29.04 -24.02
N SER B 145 18.51 -28.14 -24.68
CA SER B 145 19.22 -28.47 -25.91
C SER B 145 20.60 -27.83 -25.84
N LYS B 146 21.53 -28.33 -26.64
CA LYS B 146 22.90 -27.85 -26.57
C LYS B 146 23.51 -27.81 -27.96
N SER B 147 24.14 -26.69 -28.28
CA SER B 147 24.81 -26.48 -29.55
C SER B 147 26.23 -26.05 -29.26
N GLY B 148 27.20 -26.87 -29.63
CA GLY B 148 28.57 -26.58 -29.27
C GLY B 148 28.71 -26.54 -27.77
N ASN B 149 29.25 -25.44 -27.25
CA ASN B 149 29.49 -25.26 -25.82
C ASN B 149 28.38 -24.49 -25.13
N THR B 150 27.27 -24.22 -25.82
CA THR B 150 26.18 -23.42 -25.30
C THR B 150 24.92 -24.26 -25.18
N GLY B 151 24.40 -24.38 -23.96
CA GLY B 151 23.11 -24.98 -23.74
C GLY B 151 22.03 -23.93 -23.63
N THR B 152 20.79 -24.33 -23.89
CA THR B 152 19.63 -23.46 -23.74
C THR B 152 18.61 -24.19 -22.89
N LEU B 153 18.24 -23.59 -21.77
CA LEU B 153 17.28 -24.18 -20.83
C LEU B 153 15.96 -23.44 -21.03
N ALA B 154 15.07 -24.04 -21.83
CA ALA B 154 13.77 -23.44 -22.13
C ALA B 154 12.81 -23.73 -20.99
N ILE B 155 12.48 -22.71 -20.21
CA ILE B 155 11.67 -22.86 -19.01
C ILE B 155 10.26 -22.34 -19.28
N THR B 156 9.27 -23.06 -18.78
CA THR B 156 7.88 -22.63 -18.76
C THR B 156 7.40 -22.63 -17.33
N ALA B 157 6.73 -21.55 -16.91
CA ALA B 157 6.19 -21.43 -15.57
C ALA B 157 4.84 -20.74 -15.63
N GLY B 158 3.87 -21.28 -14.91
CA GLY B 158 2.52 -20.77 -15.02
C GLY B 158 1.68 -21.16 -13.83
N LEU B 159 0.74 -20.28 -13.48
CA LEU B 159 -0.25 -20.60 -12.47
C LEU B 159 -1.18 -21.72 -12.92
N SER B 160 -1.07 -22.17 -14.17
CA SER B 160 -1.87 -23.28 -14.70
C SER B 160 -1.24 -23.69 -16.04
N ASN B 161 -1.79 -24.76 -16.62
CA ASN B 161 -1.22 -25.27 -17.87
C ASN B 161 -1.35 -24.27 -19.01
N SER B 162 -2.39 -23.45 -19.00
CA SER B 162 -2.66 -22.53 -20.11
C SER B 162 -2.41 -21.07 -19.74
N GLN B 163 -1.73 -20.80 -18.63
CA GLN B 163 -1.36 -19.45 -18.24
C GLN B 163 0.11 -19.47 -17.83
N THR B 164 1.00 -19.51 -18.82
CA THR B 164 2.42 -19.60 -18.56
C THR B 164 3.17 -18.41 -19.14
N ILE B 165 4.36 -18.20 -18.61
CA ILE B 165 5.38 -17.37 -19.24
C ILE B 165 6.55 -18.29 -19.56
N LYS B 166 7.38 -17.85 -20.51
CA LYS B 166 8.49 -18.65 -20.97
C LYS B 166 9.76 -17.81 -21.01
N PHE B 167 10.87 -18.40 -20.60
CA PHE B 167 12.17 -17.76 -20.75
C PHE B 167 13.22 -18.85 -20.87
N SER B 168 14.30 -18.54 -21.59
CA SER B 168 15.28 -19.54 -22.02
C SER B 168 16.70 -19.05 -21.78
N PRO B 169 17.14 -19.03 -20.53
CA PRO B 169 18.54 -18.66 -20.25
C PRO B 169 19.51 -19.63 -20.92
N THR B 170 20.66 -19.10 -21.33
CA THR B 170 21.72 -19.91 -21.94
C THR B 170 22.79 -20.24 -20.91
N ILE B 171 23.45 -21.38 -21.13
CA ILE B 171 24.53 -21.85 -20.27
C ILE B 171 25.79 -22.01 -21.11
N SER B 172 26.87 -21.38 -20.67
CA SER B 172 28.17 -21.54 -21.32
C SER B 172 28.97 -22.59 -20.56
N TYR B 173 29.33 -23.68 -21.25
CA TYR B 173 30.02 -24.80 -20.61
C TYR B 173 31.52 -24.75 -20.91
N PRO B 174 32.34 -25.14 -19.93
CA PRO B 174 33.73 -25.44 -20.24
C PRO B 174 33.81 -26.61 -21.21
N SER B 175 34.88 -26.66 -21.99
CA SER B 175 35.06 -27.82 -22.84
C SER B 175 35.51 -29.01 -22.00
N GLY B 176 35.23 -30.20 -22.50
CA GLY B 176 35.73 -31.42 -21.88
C GLY B 176 34.72 -32.10 -21.00
N THR B 177 35.24 -33.04 -20.22
CA THR B 177 34.41 -33.95 -19.42
C THR B 177 33.98 -33.28 -18.13
N PRO B 178 32.68 -33.28 -17.81
CA PRO B 178 32.22 -32.65 -16.58
C PRO B 178 32.62 -33.47 -15.36
N PRO B 179 32.66 -32.84 -14.18
CA PRO B 179 32.93 -33.58 -12.95
C PRO B 179 31.90 -34.67 -12.74
N ALA B 180 32.22 -35.59 -11.81
CA ALA B 180 31.45 -36.82 -11.67
C ALA B 180 29.95 -36.54 -11.61
N ASN B 181 29.54 -35.56 -10.80
CA ASN B 181 28.12 -35.32 -10.58
C ASN B 181 27.65 -34.01 -11.21
N GLY B 182 28.33 -33.54 -12.24
CA GLY B 182 27.89 -32.39 -12.99
C GLY B 182 28.79 -31.17 -12.77
N TRP B 183 28.65 -30.19 -13.67
CA TRP B 183 29.41 -28.96 -13.56
C TRP B 183 28.88 -28.10 -12.41
N PRO B 184 29.76 -27.39 -11.70
CA PRO B 184 29.29 -26.26 -10.90
C PRO B 184 28.82 -25.17 -11.83
N LEU B 185 27.95 -24.30 -11.32
CA LEU B 185 27.33 -23.29 -12.16
C LEU B 185 27.22 -21.97 -11.41
N ILE B 186 27.48 -20.87 -12.13
CA ILE B 186 27.22 -19.54 -11.60
C ILE B 186 26.11 -18.91 -12.44
N ILE B 187 25.01 -18.58 -11.78
CA ILE B 187 23.92 -17.83 -12.40
C ILE B 187 24.33 -16.37 -12.39
N ALA B 188 24.58 -15.80 -13.56
CA ALA B 188 25.12 -14.45 -13.67
C ALA B 188 24.03 -13.53 -14.23
N TYR B 189 23.56 -12.61 -13.40
CA TYR B 189 22.57 -11.64 -13.85
C TYR B 189 23.12 -10.85 -15.02
N GLU B 190 22.48 -10.99 -16.18
CA GLU B 190 22.91 -10.34 -17.43
C GLU B 190 24.40 -10.55 -17.71
N GLY B 191 24.92 -11.72 -17.33
CA GLY B 191 26.28 -12.08 -17.65
C GLY B 191 27.30 -11.76 -16.57
N GLY B 192 26.94 -10.94 -15.59
CA GLY B 192 27.86 -10.61 -14.51
C GLY B 192 29.03 -9.78 -15.01
N SER B 193 29.89 -9.41 -14.05
CA SER B 193 31.11 -8.66 -14.36
C SER B 193 32.32 -9.24 -13.63
N ILE B 194 32.27 -10.50 -13.23
CA ILE B 194 33.42 -11.14 -12.59
C ILE B 194 34.04 -12.14 -13.58
N PRO B 195 35.34 -12.36 -13.51
CA PRO B 195 35.94 -13.44 -14.30
C PRO B 195 35.51 -14.79 -13.71
N ILE B 196 35.10 -15.70 -14.58
CA ILE B 196 34.63 -17.03 -14.18
C ILE B 196 35.78 -18.00 -14.40
N PRO B 197 36.26 -18.70 -13.38
CA PRO B 197 37.44 -19.55 -13.56
C PRO B 197 37.10 -20.77 -14.37
N ALA B 198 38.15 -21.44 -14.86
CA ALA B 198 37.95 -22.66 -15.62
C ALA B 198 37.22 -23.70 -14.78
N GLY B 199 36.44 -24.55 -15.45
CA GLY B 199 35.75 -25.61 -14.77
C GLY B 199 34.45 -25.21 -14.12
N VAL B 200 33.98 -23.98 -14.35
CA VAL B 200 32.68 -23.52 -13.85
C VAL B 200 31.85 -23.08 -15.05
N ALA B 201 30.61 -23.55 -15.11
CA ALA B 201 29.69 -23.14 -16.17
C ALA B 201 29.01 -21.84 -15.78
N THR B 202 28.61 -21.05 -16.78
CA THR B 202 27.97 -19.75 -16.56
C THR B 202 26.59 -19.75 -17.22
N LEU B 203 25.56 -19.49 -16.42
CA LEU B 203 24.21 -19.28 -16.95
C LEU B 203 23.93 -17.79 -16.98
N THR B 204 23.52 -17.28 -18.15
CA THR B 204 23.18 -15.87 -18.31
C THR B 204 21.69 -15.68 -18.07
N TYR B 205 21.35 -15.01 -16.98
CA TYR B 205 19.96 -14.77 -16.57
C TYR B 205 19.57 -13.36 -17.03
N SER B 206 18.59 -13.26 -17.92
CA SER B 206 18.11 -11.96 -18.38
C SER B 206 17.06 -11.45 -17.40
N ASN B 207 17.54 -10.96 -16.24
CA ASN B 207 16.62 -10.57 -15.18
C ASN B 207 15.73 -9.40 -15.58
N SER B 208 16.22 -8.49 -16.44
CA SER B 208 15.40 -7.35 -16.82
C SER B 208 14.14 -7.78 -17.59
N ASP B 209 14.20 -8.91 -18.31
CA ASP B 209 13.00 -9.46 -18.93
C ASP B 209 11.98 -9.89 -17.87
N MET B 210 12.47 -10.50 -16.80
CA MET B 210 11.59 -10.97 -15.73
C MET B 210 10.91 -9.81 -15.01
N ALA B 211 11.66 -8.75 -14.73
CA ALA B 211 11.10 -7.52 -14.17
C ALA B 211 11.95 -6.36 -14.66
N GLN B 212 11.35 -5.48 -15.45
CA GLN B 212 12.05 -4.32 -16.01
C GLN B 212 12.50 -3.35 -14.92
N GLN B 213 13.54 -2.60 -15.23
CA GLN B 213 14.19 -1.75 -14.22
C GLN B 213 14.79 -0.52 -14.90
N ASN B 214 14.02 0.12 -15.78
CA ASN B 214 14.50 1.33 -16.45
C ASN B 214 14.37 2.56 -15.58
N SER B 215 13.28 2.68 -14.84
CA SER B 215 12.98 3.84 -14.01
C SER B 215 11.70 3.50 -13.25
N ALA B 216 11.15 4.48 -12.53
CA ALA B 216 9.88 4.27 -11.86
C ALA B 216 8.79 3.87 -12.84
N SER B 217 8.95 4.22 -14.13
CA SER B 217 7.95 3.86 -15.13
C SER B 217 7.88 2.37 -15.39
N SER B 218 8.88 1.61 -14.95
CA SER B 218 8.90 0.17 -15.16
C SER B 218 8.02 -0.60 -14.19
N ARG B 219 7.40 0.07 -13.23
CA ARG B 219 6.65 -0.60 -12.18
C ARG B 219 5.65 -1.58 -12.76
N GLY B 220 5.70 -2.83 -12.29
CA GLY B 220 4.75 -3.83 -12.72
C GLY B 220 4.94 -4.32 -14.14
N GLN B 221 6.08 -4.03 -14.75
CA GLN B 221 6.38 -4.48 -16.11
C GLN B 221 7.38 -5.63 -16.07
N GLY B 222 7.10 -6.67 -16.85
CA GLY B 222 7.98 -7.82 -16.93
C GLY B 222 7.23 -9.14 -16.94
N LEU B 223 7.93 -10.22 -17.28
CA LEU B 223 7.26 -11.52 -17.37
C LEU B 223 6.59 -11.89 -16.06
N PHE B 224 7.25 -11.62 -14.93
CA PHE B 224 6.69 -11.96 -13.63
C PHE B 224 5.30 -11.37 -13.46
N TYR B 225 5.13 -10.11 -13.84
CA TYR B 225 3.85 -9.43 -13.63
C TYR B 225 2.78 -9.85 -14.63
N GLN B 226 3.17 -10.39 -15.79
CA GLN B 226 2.17 -10.97 -16.67
C GLN B 226 1.48 -12.14 -15.98
N LEU B 227 2.22 -12.85 -15.13
CA LEU B 227 1.64 -13.97 -14.39
C LEU B 227 0.89 -13.50 -13.15
N TYR B 228 1.51 -12.64 -12.34
CA TYR B 228 0.99 -12.31 -11.02
C TYR B 228 0.22 -11.01 -10.98
N GLY B 229 0.21 -10.25 -12.06
CA GLY B 229 -0.52 -8.99 -12.10
C GLY B 229 0.39 -7.78 -12.01
N SER B 230 0.06 -6.72 -12.72
CA SER B 230 0.92 -5.53 -12.73
C SER B 230 0.92 -4.80 -11.39
N THR B 231 -0.07 -5.01 -10.53
CA THR B 231 -0.05 -4.35 -9.23
C THR B 231 0.33 -5.32 -8.12
N HIS B 232 0.94 -6.45 -8.44
CA HIS B 232 1.48 -7.34 -7.42
C HIS B 232 2.55 -6.61 -6.61
N SER B 233 2.61 -6.88 -5.30
CA SER B 233 3.51 -6.11 -4.44
C SER B 233 5.00 -6.39 -4.70
N ALA B 234 5.35 -7.53 -5.29
CA ALA B 234 6.76 -7.88 -5.44
C ALA B 234 7.53 -6.76 -6.14
N SER B 235 8.64 -6.34 -5.53
CA SER B 235 9.59 -5.48 -6.21
C SER B 235 10.19 -6.20 -7.42
N ALA B 236 10.85 -5.43 -8.28
CA ALA B 236 11.53 -6.06 -9.41
C ALA B 236 12.57 -7.07 -8.91
N MET B 237 13.27 -6.75 -7.81
CA MET B 237 14.29 -7.67 -7.32
C MET B 237 13.68 -8.96 -6.78
N THR B 238 12.53 -8.84 -6.10
CA THR B 238 11.79 -10.02 -5.67
C THR B 238 11.33 -10.85 -6.86
N ALA B 239 10.79 -10.19 -7.89
CA ALA B 239 10.47 -10.89 -9.12
C ALA B 239 11.69 -11.62 -9.69
N TRP B 240 12.86 -10.97 -9.67
CA TRP B 240 14.07 -11.63 -10.17
C TRP B 240 14.38 -12.90 -9.38
N VAL B 241 14.25 -12.84 -8.05
CA VAL B 241 14.47 -14.02 -7.23
C VAL B 241 13.54 -15.15 -7.66
N TRP B 242 12.25 -14.85 -7.78
CA TRP B 242 11.29 -15.84 -8.23
C TRP B 242 11.78 -16.51 -9.51
N GLY B 243 12.27 -15.71 -10.46
CA GLY B 243 12.81 -16.28 -11.69
C GLY B 243 14.00 -17.19 -11.45
N VAL B 244 14.92 -16.77 -10.57
CA VAL B 244 16.06 -17.63 -10.25
C VAL B 244 15.59 -18.93 -9.62
N SER B 245 14.54 -18.86 -8.81
CA SER B 245 14.01 -20.09 -8.21
C SER B 245 13.45 -21.04 -9.27
N ARG B 246 12.81 -20.51 -10.32
CA ARG B 246 12.35 -21.38 -11.38
C ARG B 246 13.52 -21.96 -12.18
N ILE B 247 14.59 -21.19 -12.33
CA ILE B 247 15.78 -21.70 -13.01
C ILE B 247 16.33 -22.90 -12.25
N ILE B 248 16.43 -22.80 -10.93
CA ILE B 248 16.97 -23.93 -10.17
C ILE B 248 15.97 -25.08 -10.15
N ASP B 249 14.65 -24.78 -10.10
CA ASP B 249 13.65 -25.82 -10.28
C ASP B 249 13.89 -26.56 -11.59
N ALA B 250 14.17 -25.82 -12.66
CA ALA B 250 14.39 -26.42 -13.97
C ALA B 250 15.65 -27.27 -13.99
N LEU B 251 16.75 -26.75 -13.45
CA LEU B 251 17.99 -27.52 -13.40
C LEU B 251 17.81 -28.82 -12.62
N GLU B 252 17.04 -28.77 -11.52
CA GLU B 252 16.87 -29.95 -10.69
C GLU B 252 16.03 -31.03 -11.36
N MET B 253 15.25 -30.69 -12.38
CA MET B 253 14.45 -31.69 -13.08
C MET B 253 15.01 -32.00 -14.46
N THR B 254 16.19 -31.47 -14.80
CA THR B 254 16.77 -31.57 -16.14
C THR B 254 18.21 -32.04 -16.02
N PRO B 255 18.43 -33.32 -15.70
CA PRO B 255 19.80 -33.80 -15.52
C PRO B 255 20.65 -33.74 -16.77
N THR B 256 20.05 -33.63 -17.96
CA THR B 256 20.85 -33.52 -19.18
C THR B 256 21.58 -32.19 -19.29
N ALA B 257 21.22 -31.19 -18.47
CA ALA B 257 22.03 -29.98 -18.43
C ALA B 257 23.35 -30.19 -17.69
N GLN B 258 23.52 -31.33 -17.04
CA GLN B 258 24.77 -31.72 -16.38
C GLN B 258 25.27 -30.66 -15.42
N ILE B 259 24.35 -30.10 -14.61
CA ILE B 259 24.70 -29.16 -13.56
C ILE B 259 24.57 -29.87 -12.21
N ASN B 260 25.56 -29.67 -11.35
CA ASN B 260 25.49 -30.14 -9.98
C ASN B 260 24.76 -29.08 -9.19
N THR B 261 23.49 -29.32 -8.87
CA THR B 261 22.70 -28.26 -8.24
C THR B 261 23.07 -28.02 -6.78
N GLN B 262 23.94 -28.84 -6.20
CA GLN B 262 24.51 -28.49 -4.91
C GLN B 262 25.64 -27.49 -5.02
N ARG B 263 26.02 -27.11 -6.24
CA ARG B 263 27.19 -26.27 -6.49
C ARG B 263 26.81 -25.11 -7.41
N ILE B 264 25.82 -24.33 -7.01
CA ILE B 264 25.31 -23.21 -7.79
C ILE B 264 25.67 -21.92 -7.08
N GLY B 265 26.28 -20.99 -7.81
CA GLY B 265 26.51 -19.64 -7.33
C GLY B 265 25.65 -18.64 -8.09
N VAL B 266 25.65 -17.41 -7.59
CA VAL B 266 24.91 -16.32 -8.23
C VAL B 266 25.76 -15.06 -8.13
N THR B 267 25.76 -14.25 -9.19
CA THR B 267 26.54 -13.03 -9.20
C THR B 267 25.85 -11.97 -10.06
N GLY B 268 26.19 -10.72 -9.80
CA GLY B 268 25.78 -9.61 -10.65
C GLY B 268 26.48 -8.36 -10.17
N CYS B 269 26.53 -7.36 -11.05
CA CYS B 269 27.23 -6.10 -10.76
C CYS B 269 26.24 -4.94 -10.73
N SER B 270 26.43 -4.02 -9.77
CA SER B 270 25.71 -2.75 -9.71
C SER B 270 24.24 -3.07 -9.42
N ARG B 271 23.27 -2.58 -10.21
CA ARG B 271 21.88 -2.93 -9.95
C ARG B 271 21.68 -4.45 -9.94
N ASP B 272 22.41 -5.16 -10.80
CA ASP B 272 22.30 -6.62 -10.82
C ASP B 272 23.02 -7.27 -9.64
N GLY B 273 23.91 -6.52 -8.97
CA GLY B 273 24.51 -6.99 -7.75
C GLY B 273 23.53 -6.87 -6.60
N LYS B 274 22.72 -5.81 -6.60
CA LYS B 274 21.61 -5.79 -5.65
C LYS B 274 20.74 -7.03 -5.85
N GLY B 275 20.45 -7.36 -7.10
CA GLY B 275 19.63 -8.52 -7.40
C GLY B 275 20.28 -9.82 -6.96
N ALA B 276 21.59 -9.97 -7.20
CA ALA B 276 22.26 -11.20 -6.82
C ALA B 276 22.22 -11.42 -5.31
N LEU B 277 22.39 -10.35 -4.54
CA LEU B 277 22.30 -10.47 -3.09
C LEU B 277 20.91 -10.95 -2.67
N MET B 278 19.86 -10.37 -3.25
CA MET B 278 18.51 -10.81 -2.96
C MET B 278 18.31 -12.28 -3.30
N ALA B 279 18.87 -12.72 -4.43
CA ALA B 279 18.72 -14.13 -4.82
C ALA B 279 19.38 -15.05 -3.80
N GLY B 280 20.64 -14.77 -3.45
CA GLY B 280 21.32 -15.61 -2.49
C GLY B 280 20.61 -15.63 -1.14
N ALA B 281 20.09 -14.47 -0.72
CA ALA B 281 19.43 -14.40 0.57
C ALA B 281 18.16 -15.25 0.60
N PHE B 282 17.33 -15.13 -0.45
CA PHE B 282 16.00 -15.72 -0.41
C PHE B 282 15.91 -17.12 -1.00
N GLU B 283 16.84 -17.51 -1.87
CA GLU B 283 16.80 -18.84 -2.51
C GLU B 283 17.87 -19.71 -1.87
N GLU B 284 17.45 -20.57 -0.93
CA GLU B 284 18.37 -21.35 -0.11
C GLU B 284 19.18 -22.36 -0.89
N ARG B 285 18.84 -22.65 -2.15
CA ARG B 285 19.59 -23.65 -2.88
C ARG B 285 20.87 -23.09 -3.49
N ILE B 286 21.17 -21.81 -3.29
CA ILE B 286 22.37 -21.19 -3.86
C ILE B 286 23.52 -21.34 -2.88
N ALA B 287 24.59 -22.01 -3.32
CA ALA B 287 25.72 -22.32 -2.44
C ALA B 287 26.63 -21.11 -2.21
N LEU B 288 26.79 -20.25 -3.22
CA LEU B 288 27.73 -19.12 -3.11
C LEU B 288 27.12 -17.89 -3.77
N THR B 289 27.11 -16.78 -3.04
CA THR B 289 26.55 -15.52 -3.51
C THR B 289 27.66 -14.49 -3.66
N ILE B 290 27.70 -13.80 -4.80
CA ILE B 290 28.80 -12.88 -5.12
C ILE B 290 28.26 -11.54 -5.63
N PRO B 291 27.84 -10.63 -4.74
CA PRO B 291 27.40 -9.30 -5.20
C PRO B 291 28.61 -8.40 -5.47
N GLN B 292 28.60 -7.71 -6.61
CA GLN B 292 29.74 -6.89 -7.05
C GLN B 292 29.29 -5.44 -7.19
N GLU B 293 29.91 -4.55 -6.40
CA GLU B 293 29.60 -3.12 -6.41
C GLU B 293 28.10 -2.85 -6.40
N SER B 294 27.41 -3.45 -5.42
CA SER B 294 25.95 -3.35 -5.40
C SER B 294 25.45 -2.04 -4.81
N GLY B 295 26.20 -1.42 -3.90
CA GLY B 295 25.82 -0.10 -3.41
C GLY B 295 24.54 -0.09 -2.59
N SER B 296 23.86 1.05 -2.65
CA SER B 296 22.66 1.27 -1.86
C SER B 296 21.55 0.33 -2.30
N GLY B 297 20.86 -0.29 -1.34
CA GLY B 297 19.91 -1.33 -1.68
C GLY B 297 20.55 -2.67 -1.95
N GLY B 298 21.88 -2.74 -1.90
CA GLY B 298 22.63 -3.98 -1.99
C GLY B 298 23.29 -4.30 -0.65
N ASP B 299 24.62 -4.35 -0.62
CA ASP B 299 25.28 -4.67 0.64
C ASP B 299 25.55 -3.43 1.51
N ALA B 300 24.99 -2.27 1.17
CA ALA B 300 24.96 -1.14 2.11
C ALA B 300 23.70 -1.22 2.97
N CYS B 301 23.77 -0.60 4.15
CA CYS B 301 22.65 -0.58 5.08
C CYS B 301 21.91 0.75 4.95
N TRP B 302 20.58 0.71 5.06
CA TRP B 302 19.81 1.95 4.94
C TRP B 302 20.20 2.95 6.02
N ARG B 303 20.29 2.50 7.26
CA ARG B 303 20.58 3.42 8.37
C ARG B 303 21.96 4.05 8.22
N LEU B 304 22.94 3.28 7.76
CA LEU B 304 24.29 3.82 7.62
C LEU B 304 24.37 4.81 6.46
N SER B 305 23.67 4.54 5.36
CA SER B 305 23.66 5.51 4.26
C SER B 305 22.93 6.79 4.63
N LYS B 306 21.87 6.71 5.44
CA LYS B 306 21.23 7.93 5.94
C LYS B 306 22.21 8.75 6.76
N TYR B 307 23.01 8.09 7.61
CA TYR B 307 24.06 8.79 8.34
C TYR B 307 25.05 9.46 7.39
N GLU B 308 25.48 8.74 6.35
CA GLU B 308 26.44 9.31 5.40
C GLU B 308 25.88 10.55 4.73
N ILE B 309 24.66 10.46 4.21
CA ILE B 309 24.13 11.60 3.46
C ILE B 309 23.87 12.78 4.39
N ASP B 310 23.54 12.51 5.66
CA ASP B 310 23.36 13.58 6.62
C ASP B 310 24.67 14.23 7.02
N ASN B 311 25.80 13.59 6.72
CA ASN B 311 27.09 14.11 7.14
C ASN B 311 27.99 14.45 5.96
N GLY B 312 27.40 14.81 4.82
CA GLY B 312 28.12 15.44 3.74
C GLY B 312 28.62 14.54 2.62
N ASN B 313 28.37 13.24 2.66
CA ASN B 313 28.72 12.37 1.55
C ASN B 313 27.54 12.27 0.58
N GLN B 314 27.80 12.48 -0.71
CA GLN B 314 26.77 12.38 -1.74
C GLN B 314 26.54 10.90 -2.11
N VAL B 315 25.89 10.18 -1.19
CA VAL B 315 25.61 8.77 -1.39
C VAL B 315 24.18 8.61 -1.87
N GLN B 316 23.90 7.43 -2.44
CA GLN B 316 22.53 7.01 -2.64
C GLN B 316 21.96 6.51 -1.32
N ASP B 317 20.70 6.82 -1.06
CA ASP B 317 20.05 6.45 0.19
C ASP B 317 18.62 6.00 -0.10
N ALA B 318 17.95 5.51 0.94
CA ALA B 318 16.61 4.96 0.78
C ALA B 318 15.65 5.97 0.18
N VAL B 319 15.73 7.23 0.61
CA VAL B 319 14.75 8.22 0.15
C VAL B 319 14.86 8.42 -1.35
N GLU B 320 16.08 8.47 -1.88
CA GLU B 320 16.26 8.72 -3.31
C GLU B 320 15.99 7.47 -4.14
N ILE B 321 16.38 6.30 -3.64
CA ILE B 321 16.37 5.12 -4.50
C ILE B 321 14.96 4.71 -4.88
N VAL B 322 13.99 4.90 -3.98
CA VAL B 322 12.63 4.48 -4.30
C VAL B 322 11.99 5.36 -5.38
N GLY B 323 12.53 6.55 -5.62
CA GLY B 323 12.01 7.39 -6.68
C GLY B 323 12.69 7.14 -8.01
N GLU B 324 13.87 6.51 -7.96
CA GLU B 324 14.70 6.32 -9.14
C GLU B 324 14.32 5.08 -9.93
N ASN B 325 13.76 4.05 -9.30
CA ASN B 325 13.60 2.78 -9.97
C ASN B 325 12.61 1.93 -9.17
N VAL B 326 12.52 0.65 -9.50
CA VAL B 326 11.48 -0.22 -8.94
C VAL B 326 12.12 -1.42 -8.23
N TRP B 327 13.33 -1.23 -7.72
CA TRP B 327 14.02 -2.31 -7.02
C TRP B 327 13.38 -2.66 -5.68
N PHE B 328 12.44 -1.84 -5.17
CA PHE B 328 11.77 -2.11 -3.91
C PHE B 328 10.27 -1.95 -4.08
N SER B 329 9.52 -2.49 -3.10
CA SER B 329 8.06 -2.43 -3.20
C SER B 329 7.62 -0.97 -3.08
N THR B 330 6.43 -0.68 -3.63
CA THR B 330 5.90 0.65 -3.42
C THR B 330 5.66 0.91 -1.94
N ASN B 331 5.36 -0.16 -1.18
CA ASN B 331 5.14 0.00 0.25
C ASN B 331 6.37 0.52 0.97
N PHE B 332 7.58 0.27 0.44
CA PHE B 332 8.80 0.77 1.10
C PHE B 332 8.77 2.29 1.25
N ASN B 333 8.07 2.99 0.34
CA ASN B 333 7.97 4.44 0.43
C ASN B 333 7.46 4.89 1.80
N ASN B 334 6.66 4.04 2.44
CA ASN B 334 6.09 4.41 3.73
C ASN B 334 7.11 4.38 4.86
N TYR B 335 8.33 3.87 4.61
CA TYR B 335 9.33 3.71 5.64
C TYR B 335 10.64 4.44 5.36
N VAL B 336 10.88 4.93 4.14
CA VAL B 336 12.20 5.46 3.82
C VAL B 336 12.55 6.70 4.63
N GLN B 337 11.56 7.44 5.11
CA GLN B 337 11.80 8.58 6.01
C GLN B 337 11.75 8.18 7.47
N LYS B 338 11.56 6.91 7.77
CA LYS B 338 11.36 6.45 9.15
C LYS B 338 12.16 5.17 9.37
N LEU B 339 13.42 5.18 8.94
CA LEU B 339 14.20 3.95 8.95
C LEU B 339 14.32 3.33 10.34
N PRO B 340 14.41 4.10 11.44
CA PRO B 340 14.53 3.45 12.75
C PRO B 340 13.37 2.53 13.07
N THR B 341 12.19 2.76 12.47
CA THR B 341 11.04 1.92 12.74
C THR B 341 11.05 0.62 11.94
N VAL B 342 12.01 0.44 11.05
CA VAL B 342 12.10 -0.75 10.22
C VAL B 342 12.86 -1.82 10.99
N PRO B 343 12.24 -2.98 11.31
CA PRO B 343 12.89 -3.98 12.18
C PRO B 343 13.87 -4.86 11.42
N GLU B 344 14.46 -4.32 10.37
CA GLU B 344 15.51 -5.01 9.63
C GLU B 344 16.40 -3.96 9.00
N ASP B 345 17.57 -4.40 8.55
CA ASP B 345 18.36 -3.63 7.62
C ASP B 345 19.12 -4.64 6.78
N HIS B 346 19.94 -4.16 5.85
CA HIS B 346 20.51 -5.10 4.89
C HIS B 346 21.64 -5.95 5.47
N HIS B 347 22.09 -5.69 6.69
CA HIS B 347 22.95 -6.68 7.35
C HIS B 347 22.17 -7.95 7.65
N LEU B 348 20.87 -7.83 7.97
CA LEU B 348 20.04 -9.03 8.12
C LEU B 348 19.68 -9.65 6.77
N LEU B 349 19.50 -8.84 5.73
CA LEU B 349 19.35 -9.39 4.39
C LEU B 349 20.54 -10.27 4.01
N ALA B 350 21.76 -9.73 4.19
CA ALA B 350 22.95 -10.51 3.90
C ALA B 350 23.01 -11.75 4.78
N ALA B 351 22.64 -11.61 6.06
CA ALA B 351 22.72 -12.74 6.96
C ALA B 351 21.77 -13.86 6.57
N MET B 352 20.72 -13.57 5.81
CA MET B 352 19.87 -14.65 5.30
C MET B 352 20.64 -15.66 4.47
N VAL B 353 21.81 -15.29 3.95
CA VAL B 353 22.62 -16.25 3.21
C VAL B 353 23.18 -17.32 4.15
N ALA B 354 23.53 -16.95 5.38
CA ALA B 354 24.06 -17.95 6.30
C ALA B 354 23.02 -19.06 6.51
N PRO B 355 23.46 -20.33 6.65
CA PRO B 355 24.85 -20.76 6.78
C PRO B 355 25.56 -21.06 5.46
N ARG B 356 25.02 -20.57 4.35
CA ARG B 356 25.69 -20.71 3.06
C ARG B 356 26.75 -19.61 2.92
N ALA B 357 27.42 -19.55 1.77
CA ALA B 357 28.62 -18.75 1.62
C ALA B 357 28.33 -17.49 0.79
N MET B 358 29.10 -16.44 1.07
CA MET B 358 28.97 -15.21 0.31
CA MET B 358 28.97 -15.21 0.30
C MET B 358 30.25 -14.39 0.44
N ILE B 359 30.68 -13.79 -0.67
CA ILE B 359 31.69 -12.74 -0.65
C ILE B 359 31.20 -11.62 -1.55
N SER B 360 31.21 -10.40 -1.03
CA SER B 360 30.82 -9.25 -1.82
C SER B 360 32.01 -8.32 -1.98
N PHE B 361 32.02 -7.58 -3.08
CA PHE B 361 33.14 -6.73 -3.44
C PHE B 361 32.62 -5.32 -3.63
N GLU B 362 33.33 -4.34 -3.08
CA GLU B 362 32.90 -2.96 -3.20
C GLU B 362 34.04 -2.08 -3.69
N ASN B 363 33.66 -0.90 -4.19
CA ASN B 363 34.57 0.03 -4.85
C ASN B 363 34.43 1.38 -4.17
N THR B 364 35.51 1.85 -3.53
CA THR B 364 35.41 3.13 -2.82
C THR B 364 35.54 4.36 -3.72
N ASP B 365 35.83 4.17 -5.02
CA ASP B 365 35.91 5.31 -5.93
C ASP B 365 34.56 5.96 -6.23
N TYR B 366 33.44 5.32 -5.87
CA TYR B 366 32.12 5.84 -6.20
C TYR B 366 31.35 6.07 -4.90
N LEU B 367 31.36 7.33 -4.43
CA LEU B 367 30.63 7.66 -3.21
C LEU B 367 29.16 7.30 -3.33
N TRP B 368 28.62 7.32 -4.55
CA TRP B 368 27.23 6.96 -4.77
C TRP B 368 26.91 5.56 -4.25
N LEU B 369 27.91 4.67 -4.21
CA LEU B 369 27.74 3.32 -3.69
C LEU B 369 27.65 3.26 -2.16
N SER B 370 27.95 4.36 -1.46
CA SER B 370 27.90 4.44 0.00
C SER B 370 28.95 3.53 0.64
N PRO B 371 30.25 3.84 0.46
CA PRO B 371 31.30 2.89 0.89
C PRO B 371 31.29 2.58 2.38
N MET B 372 31.25 3.60 3.26
CA MET B 372 31.24 3.29 4.69
C MET B 372 30.07 2.40 5.04
N SER B 373 28.91 2.68 4.45
CA SER B 373 27.72 1.89 4.76
C SER B 373 27.92 0.42 4.42
N SER B 374 28.52 0.12 3.26
CA SER B 374 28.72 -1.30 2.92
C SER B 374 29.66 -1.98 3.90
N PHE B 375 30.75 -1.30 4.28
CA PHE B 375 31.69 -1.93 5.20
C PHE B 375 31.03 -2.19 6.55
N GLY B 376 30.34 -1.19 7.09
CA GLY B 376 29.68 -1.39 8.37
C GLY B 376 28.57 -2.41 8.28
N CYS B 377 27.82 -2.39 7.17
CA CYS B 377 26.71 -3.33 7.00
C CYS B 377 27.21 -4.76 6.96
N MET B 378 28.28 -5.01 6.20
CA MET B 378 28.77 -6.38 6.10
C MET B 378 29.54 -6.79 7.35
N THR B 379 30.17 -5.83 8.05
CA THR B 379 30.77 -6.17 9.34
C THR B 379 29.69 -6.66 10.31
N ALA B 380 28.53 -5.98 10.33
CA ALA B 380 27.43 -6.39 11.19
C ALA B 380 26.87 -7.74 10.77
N ALA B 381 26.67 -7.94 9.46
CA ALA B 381 26.19 -9.23 8.96
C ALA B 381 27.14 -10.34 9.34
N HIS B 382 28.45 -10.07 9.29
CA HIS B 382 29.45 -11.10 9.54
C HIS B 382 29.29 -11.72 10.93
N THR B 383 28.76 -10.98 11.91
CA THR B 383 28.62 -11.56 13.23
C THR B 383 27.70 -12.78 13.24
N VAL B 384 26.79 -12.89 12.27
CA VAL B 384 25.92 -14.07 12.23
C VAL B 384 26.73 -15.31 11.84
N TRP B 385 27.52 -15.21 10.78
CA TRP B 385 28.43 -16.32 10.44
C TRP B 385 29.36 -16.63 11.61
N GLN B 386 29.85 -15.59 12.29
CA GLN B 386 30.72 -15.81 13.44
C GLN B 386 30.00 -16.61 14.53
N GLY B 387 28.77 -16.20 14.86
CA GLY B 387 28.02 -16.92 15.89
C GLY B 387 27.68 -18.33 15.48
N LEU B 388 27.55 -18.58 14.18
CA LEU B 388 27.33 -19.93 13.67
C LEU B 388 28.62 -20.74 13.56
N GLY B 389 29.76 -20.16 13.91
CA GLY B 389 31.02 -20.88 13.83
C GLY B 389 31.57 -21.06 12.43
N ILE B 390 31.15 -20.22 11.48
CA ILE B 390 31.54 -20.38 10.08
C ILE B 390 31.91 -19.03 9.50
N ALA B 391 32.73 -18.27 10.23
CA ALA B 391 33.16 -16.96 9.73
C ALA B 391 33.81 -17.05 8.37
N ASP B 392 34.51 -18.17 8.08
CA ASP B 392 35.19 -18.30 6.81
C ASP B 392 34.26 -18.57 5.64
N SER B 393 32.94 -18.63 5.86
CA SER B 393 31.98 -18.70 4.77
C SER B 393 31.51 -17.33 4.28
N HIS B 394 32.01 -16.24 4.86
CA HIS B 394 31.54 -14.90 4.48
C HIS B 394 32.74 -13.96 4.35
N GLY B 395 32.85 -13.32 3.20
CA GLY B 395 33.95 -12.44 2.92
C GLY B 395 33.48 -11.08 2.43
N PHE B 396 34.38 -10.11 2.54
CA PHE B 396 34.11 -8.76 2.05
C PHE B 396 35.44 -8.13 1.68
N ALA B 397 35.54 -7.58 0.47
CA ALA B 397 36.77 -6.91 0.04
C ALA B 397 36.40 -5.59 -0.62
N GLN B 398 37.00 -4.51 -0.12
CA GLN B 398 36.63 -3.17 -0.55
C GLN B 398 37.89 -2.40 -0.88
N VAL B 399 38.00 -1.94 -2.13
CA VAL B 399 39.18 -1.23 -2.62
C VAL B 399 38.71 -0.07 -3.50
N GLY B 400 39.67 0.77 -3.89
CA GLY B 400 39.43 1.79 -4.89
C GLY B 400 40.33 1.56 -6.11
N GLY B 401 40.48 2.58 -6.97
CA GLY B 401 41.44 2.50 -8.04
C GLY B 401 41.01 1.77 -9.29
N HIS B 402 39.72 1.64 -9.55
CA HIS B 402 39.28 1.03 -10.80
C HIS B 402 37.88 1.53 -11.14
N ALA B 403 37.51 1.39 -12.42
CA ALA B 403 36.24 1.89 -12.91
C ALA B 403 35.08 1.01 -12.43
N HIS B 404 33.88 1.59 -12.48
CA HIS B 404 32.69 0.89 -12.00
C HIS B 404 32.48 -0.40 -12.81
N CYS B 405 32.39 -1.52 -12.11
CA CYS B 405 32.19 -2.87 -12.64
C CYS B 405 33.40 -3.38 -13.43
N ALA B 406 34.49 -2.63 -13.51
CA ALA B 406 35.76 -3.20 -13.96
C ALA B 406 36.30 -4.12 -12.88
N TRP B 407 36.86 -5.27 -13.28
CA TRP B 407 37.34 -6.22 -12.28
C TRP B 407 38.83 -6.02 -12.06
N PRO B 408 39.26 -5.65 -10.85
CA PRO B 408 40.71 -5.50 -10.61
C PRO B 408 41.35 -6.86 -10.36
N SER B 409 42.46 -7.13 -11.06
CA SER B 409 43.12 -8.42 -10.89
C SER B 409 43.60 -8.63 -9.46
N SER B 410 43.77 -7.56 -8.69
CA SER B 410 44.23 -7.70 -7.31
C SER B 410 43.23 -8.47 -6.44
N LEU B 411 41.96 -8.52 -6.82
CA LEU B 411 40.94 -9.21 -6.05
C LEU B 411 40.66 -10.62 -6.57
N THR B 412 41.29 -11.03 -7.67
CA THR B 412 41.01 -12.36 -8.21
C THR B 412 41.36 -13.49 -7.24
N PRO B 413 42.47 -13.44 -6.51
CA PRO B 413 42.72 -14.50 -5.52
C PRO B 413 41.59 -14.66 -4.51
N GLN B 414 41.03 -13.54 -4.03
CA GLN B 414 39.97 -13.62 -3.04
C GLN B 414 38.71 -14.22 -3.65
N LEU B 415 38.34 -13.77 -4.85
CA LEU B 415 37.20 -14.33 -5.56
C LEU B 415 37.38 -15.83 -5.79
N ASN B 416 38.54 -16.22 -6.29
CA ASN B 416 38.77 -17.63 -6.61
C ASN B 416 38.82 -18.51 -5.38
N ALA B 417 39.27 -17.97 -4.25
CA ALA B 417 39.26 -18.77 -3.02
C ALA B 417 37.84 -19.21 -2.68
N PHE B 418 36.87 -18.30 -2.79
CA PHE B 418 35.49 -18.64 -2.47
C PHE B 418 34.88 -19.57 -3.51
N ILE B 419 35.14 -19.33 -4.80
CA ILE B 419 34.65 -20.25 -5.83
C ILE B 419 35.30 -21.62 -5.65
N ASN B 420 36.61 -21.65 -5.43
CA ASN B 420 37.31 -22.92 -5.27
C ASN B 420 36.72 -23.72 -4.11
N ARG B 421 36.54 -23.08 -2.96
CA ARG B 421 36.09 -23.80 -1.78
C ARG B 421 34.63 -24.20 -1.88
N PHE B 422 33.75 -23.26 -2.26
CA PHE B 422 32.32 -23.51 -2.14
C PHE B 422 31.66 -24.01 -3.43
N LEU B 423 32.28 -23.83 -4.58
CA LEU B 423 31.73 -24.40 -5.81
C LEU B 423 32.56 -25.53 -6.40
N LEU B 424 33.88 -25.51 -6.20
CA LEU B 424 34.75 -26.55 -6.74
C LEU B 424 35.19 -27.56 -5.68
N ASP B 425 34.82 -27.35 -4.42
CA ASP B 425 35.06 -28.34 -3.37
C ASP B 425 36.56 -28.57 -3.16
N GLN B 426 37.34 -27.50 -3.15
CA GLN B 426 38.78 -27.56 -2.94
C GLN B 426 39.15 -27.00 -1.57
N SER B 427 40.31 -27.41 -1.08
CA SER B 427 40.87 -26.93 0.19
C SER B 427 41.53 -25.57 -0.04
N ALA B 428 40.71 -24.54 0.01
CA ALA B 428 41.18 -23.17 -0.09
C ALA B 428 40.79 -22.41 1.17
N THR B 429 41.68 -21.56 1.65
CA THR B 429 41.33 -20.69 2.77
C THR B 429 40.51 -19.51 2.27
N THR B 430 39.54 -19.08 3.08
CA THR B 430 38.59 -18.07 2.66
C THR B 430 38.43 -17.02 3.76
N ASN B 431 39.55 -16.46 4.21
CA ASN B 431 39.57 -15.43 5.26
C ASN B 431 39.79 -14.09 4.56
N VAL B 432 38.68 -13.43 4.21
CA VAL B 432 38.71 -12.20 3.41
C VAL B 432 37.79 -11.18 4.07
N PHE B 433 38.38 -10.14 4.65
CA PHE B 433 37.59 -9.03 5.19
C PHE B 433 38.55 -7.85 5.27
N THR B 434 38.49 -6.97 4.28
CA THR B 434 39.47 -5.92 4.12
C THR B 434 38.80 -4.68 3.57
N THR B 435 39.27 -3.51 4.02
CA THR B 435 38.84 -2.24 3.46
C THR B 435 40.00 -1.24 3.55
N ASN B 436 39.91 -0.17 2.76
CA ASN B 436 40.89 0.91 2.80
C ASN B 436 40.40 2.11 3.63
N ASN B 437 39.21 2.04 4.20
CA ASN B 437 38.66 3.10 5.04
C ASN B 437 38.53 4.43 4.29
N GLN B 438 38.51 4.43 2.96
CA GLN B 438 38.42 5.68 2.20
C GLN B 438 36.95 6.02 2.05
N PHE B 439 36.40 6.60 3.12
CA PHE B 439 34.96 6.74 3.30
C PHE B 439 34.48 8.18 3.14
N GLY B 440 35.27 9.04 2.53
CA GLY B 440 34.81 10.43 2.36
C GLY B 440 34.80 11.15 3.70
N LYS B 441 33.70 11.83 4.00
CA LYS B 441 33.66 12.72 5.16
C LYS B 441 33.15 12.03 6.43
N VAL B 442 32.95 10.72 6.41
CA VAL B 442 32.45 10.02 7.59
C VAL B 442 33.44 8.93 7.99
N GLN B 443 33.29 8.45 9.21
CA GLN B 443 34.02 7.31 9.73
C GLN B 443 33.06 6.21 10.12
N TRP B 444 33.57 4.97 10.13
CA TRP B 444 32.84 3.84 10.69
C TRP B 444 33.27 3.67 12.14
N ASN B 445 32.32 3.75 13.06
CA ASN B 445 32.55 3.47 14.47
C ASN B 445 31.58 2.37 14.87
N ALA B 446 32.07 1.14 14.99
CA ALA B 446 31.18 0.00 15.20
C ALA B 446 30.37 0.14 16.48
N ALA B 447 30.93 0.79 17.51
CA ALA B 447 30.22 0.95 18.78
C ALA B 447 28.98 1.82 18.63
N ASN B 448 28.89 2.63 17.58
CA ASN B 448 27.73 3.46 17.35
C ASN B 448 26.63 2.75 16.57
N TRP B 449 26.86 1.52 16.13
CA TRP B 449 25.92 0.87 15.22
C TRP B 449 25.62 -0.57 15.61
N ILE B 450 26.63 -1.30 16.08
CA ILE B 450 26.47 -2.68 16.50
C ILE B 450 26.36 -2.70 18.03
N THR B 451 25.19 -3.05 18.53
CA THR B 451 24.92 -3.03 19.97
C THR B 451 24.98 -4.41 20.61
N TRP B 452 25.13 -5.47 19.83
CA TRP B 452 25.03 -6.82 20.38
C TRP B 452 26.41 -7.45 20.49
N THR B 453 26.54 -8.33 21.47
CA THR B 453 27.69 -9.22 21.52
C THR B 453 27.33 -10.46 20.70
N THR B 454 28.35 -11.09 20.11
CA THR B 454 28.10 -12.24 19.25
C THR B 454 28.04 -13.50 20.10
N PRO B 455 26.92 -14.22 20.12
CA PRO B 455 26.86 -15.46 20.89
C PRO B 455 27.57 -16.60 20.16
N THR B 456 27.92 -17.62 20.92
CA THR B 456 28.35 -18.89 20.35
C THR B 456 27.11 -19.77 20.25
N LEU B 457 26.50 -19.82 19.06
CA LEU B 457 25.32 -20.66 18.89
C LEU B 457 25.72 -22.13 18.93
N THR B 458 24.98 -22.93 19.66
CA THR B 458 25.35 -24.32 19.97
C THR B 458 24.68 -25.31 19.03
N GLY B 459 25.21 -26.53 19.03
CA GLY B 459 24.61 -27.62 18.28
C GLY B 459 25.14 -27.73 16.88
N LEU B 460 24.44 -28.53 16.07
CA LEU B 460 24.85 -28.77 14.69
C LEU B 460 24.27 -27.72 13.74
C1 XYL C . 20.99 11.87 -7.54
C2 XYL C . 20.48 12.43 -8.85
C3 XYL C . 18.97 12.28 -8.93
C4 XYL C . 18.57 10.89 -9.45
C5 XYL C . 17.05 10.84 -9.46
O1 XYL C . 20.46 12.62 -6.47
O2 XYL C . 20.81 13.79 -8.92
O3 XYL C . 18.48 13.25 -9.81
O4 XYL C . 19.10 10.69 -10.73
O5 XYL C . 16.59 9.68 -10.10
H11 XYL C . 20.70 10.94 -7.44
H12 XYL C . 21.95 11.92 -7.51
H2 XYL C . 20.88 11.96 -9.59
H3 XYL C . 18.59 12.38 -8.04
H4 XYL C . 18.92 10.19 -8.89
H51 XYL C . 16.70 11.62 -9.93
H52 XYL C . 16.72 10.85 -8.54
HO1 XYL C . 20.79 12.35 -5.74
HO2 XYL C . 21.61 13.87 -9.19
HO3 XYL C . 18.31 13.97 -9.37
HO5 XYL C . 15.94 9.88 -10.61
C1 XYP C . 19.77 9.48 -10.99
C2 XYP C . 20.02 9.06 -12.43
C3 XYP C . 20.86 7.85 -12.57
C4 XYP C . 22.11 7.94 -11.76
C5 XYP C . 21.81 8.26 -10.30
O2 XYP C . 18.73 8.77 -13.01
O3 XYP C . 21.24 7.68 -13.96
O4 XYP C . 22.80 6.68 -11.83
O5 XYP C . 21.03 9.51 -10.17
H1 XYP C . 19.16 8.85 -10.58
H2 XYP C . 20.47 9.78 -12.91
H3 XYP C . 20.34 7.08 -12.27
H4 XYP C . 22.70 8.62 -12.12
H51 XYP C . 22.65 8.37 -9.81
H52 XYP C . 21.30 7.54 -9.90
HO2 XYP C . 18.76 8.93 -13.85
HO3 XYP C . 20.93 6.95 -14.25
C1 XYP C . 24.10 6.67 -11.37
C2 XYP C . 24.61 5.23 -11.30
C3 XYP C . 26.04 5.19 -10.91
C4 XYP C . 26.91 6.08 -11.75
C5 XYP C . 26.36 7.51 -11.84
O2 XYP C . 23.80 4.51 -10.36
O3 XYP C . 26.54 3.84 -11.10
O4 XYP C . 28.23 6.14 -11.21
O5 XYP C . 24.95 7.53 -12.25
H1 XYP C . 24.08 7.03 -10.47
H2 XYP C . 24.54 4.79 -12.16
H3 XYP C . 26.10 5.47 -9.97
H4 XYP C . 26.95 5.70 -12.64
H51 XYP C . 26.45 7.94 -10.97
H52 XYP C . 26.89 8.00 -12.49
HO3 XYP C . 27.26 3.74 -10.65
HO4 XYP C . 28.72 6.66 -11.67
C7 GCV C . 24.98 0.93 -7.93
C1 GCV C . 22.60 3.81 -10.79
C2 GCV C . 21.84 3.39 -9.53
C3 GCV C . 22.72 2.58 -8.64
C4 GCV C . 23.16 1.35 -9.41
C5 GCV C . 24.00 1.72 -10.67
C6 GCV C . 24.43 0.50 -11.43
O2 GCV C . 21.47 4.62 -8.89
O3 GCV C . 21.88 2.14 -7.54
O4 GCV C . 23.86 0.40 -8.59
O5 GCV C . 23.17 2.62 -11.51
O6A GCV C . 23.57 -0.11 -12.11
H71 GCV C . 25.62 0.21 -7.76
H72 GCV C . 24.71 1.33 -7.09
H73 GCV C . 25.40 1.60 -8.49
H1 GCV C . 22.00 4.29 -11.39
H2 GCV C . 21.06 2.86 -9.76
H3 GCV C . 23.45 3.11 -8.28
H4 GCV C . 22.36 0.90 -9.70
H5 GCV C . 24.80 2.19 -10.40
HO2 GCV C . 20.64 4.63 -8.76
HO3 GCV C . 21.43 2.80 -7.26
O1 XYP D . -42.79 14.17 7.44
C1 XYP D . -43.46 14.93 6.51
C2 XYP D . -43.98 16.21 7.18
C3 XYP D . -44.58 17.15 6.21
C4 XYP D . -43.70 17.43 5.07
C5 XYP D . -43.15 16.16 4.41
O2 XYP D . -45.00 15.84 8.13
O3 XYP D . -44.89 18.42 6.88
O4 XYP D . -44.45 18.17 4.09
O5 XYP D . -42.53 15.26 5.41
HO1 XYP D . -42.03 13.94 7.13
H1 XYP D . -44.20 14.41 6.18
H2 XYP D . -43.25 16.65 7.63
H3 XYP D . -45.39 16.75 5.87
H4 XYP D . -42.94 17.98 5.37
H51 XYP D . -43.87 15.69 3.98
H52 XYP D . -42.47 16.40 3.76
HO2 XYP D . -44.81 16.16 8.89
HO3 XYP D . -45.22 18.26 7.65
C1 XYP D . -43.76 19.17 3.64
C2 XYP D . -44.41 19.75 2.33
C3 XYP D . -43.69 20.96 1.84
C4 XYP D . -43.56 21.99 2.83
C5 XYP D . -43.03 21.48 4.14
O2 XYP D . -44.41 18.76 1.32
O3 XYP D . -44.45 21.52 0.67
O4 XYP D . -42.64 23.04 2.34
O5 XYP D . -43.76 20.30 4.65
H1 XYP D . -42.85 18.88 3.47
H2 XYP D . -45.33 20.00 2.51
H3 XYP D . -42.80 20.70 1.57
H4 XYP D . -44.45 22.37 2.97
H51 XYP D . -42.10 21.24 4.02
H52 XYP D . -43.09 22.18 4.80
HO2 XYP D . -45.15 18.34 1.34
HO3 XYP D . -44.13 22.28 0.46
HO4 XYP D . -42.68 23.72 2.85
C1 NAG E . -31.33 4.44 24.75
C2 NAG E . -31.54 3.06 25.37
C3 NAG E . -30.53 2.07 24.79
C4 NAG E . -30.66 2.05 23.28
C5 NAG E . -30.48 3.45 22.70
C6 NAG E . -30.68 3.52 21.21
C7 NAG E . -32.29 2.47 27.64
C8 NAG E . -32.04 2.64 29.11
N2 NAG E . -31.45 3.11 26.82
O3 NAG E . -30.77 0.77 25.32
O4 NAG E . -29.66 1.21 22.70
O5 NAG E . -31.43 4.35 23.30
O6 NAG E . -32.00 3.12 20.81
O7 NAG E . -33.23 1.80 27.21
C1 EDO F . -24.13 24.90 -5.80
O1 EDO F . -24.77 25.99 -5.12
C2 EDO F . -22.98 24.34 -4.97
O2 EDO F . -23.42 24.12 -3.63
H11 EDO F . -23.74 25.26 -6.76
H12 EDO F . -24.85 24.11 -6.00
HO1 EDO F . -25.52 26.30 -5.65
H21 EDO F . -22.13 25.03 -4.98
H22 EDO F . -22.64 23.39 -5.40
HO2 EDO F . -22.67 23.84 -3.08
C1 MAN G . -39.77 15.18 15.07
C2 MAN G . -40.26 16.50 15.72
C3 MAN G . -41.80 16.51 15.78
C4 MAN G . -42.41 16.18 14.41
C5 MAN G . -41.89 14.83 13.90
C6 MAN G . -42.38 14.44 12.50
O2 MAN G . -39.86 17.65 14.96
O3 MAN G . -42.29 17.77 16.25
O4 MAN G . -43.83 16.09 14.51
O5 MAN G . -40.43 14.90 13.84
O6 MAN G . -41.76 13.20 12.13
H1 MAN G . -38.71 15.26 14.79
H2 MAN G . -39.84 16.58 16.74
H3 MAN G . -42.13 15.75 16.49
H4 MAN G . -42.10 16.96 13.71
H5 MAN G . -42.21 14.05 14.59
H61 MAN G . -42.11 15.24 11.80
H62 MAN G . -43.47 14.34 12.52
HO2 MAN G . -38.89 17.75 15.02
HO3 MAN G . -42.08 17.78 17.20
HO4 MAN G . -44.07 16.71 15.22
HO6 MAN G . -41.03 13.05 12.75
C1 MAN H . -39.15 8.35 12.54
C2 MAN H . -40.62 8.61 13.01
C3 MAN H . -40.88 7.81 14.29
C4 MAN H . -40.49 6.33 14.10
C5 MAN H . -39.04 6.21 13.66
C6 MAN H . -38.61 4.76 13.30
O2 MAN H . -41.56 8.16 12.04
O3 MAN H . -42.22 7.92 14.72
O4 MAN H . -40.65 5.64 15.34
O5 MAN H . -38.82 6.99 12.47
O6 MAN H . -37.50 4.84 12.43
H1 MAN H . -39.03 8.72 11.51
H2 MAN H . -40.78 9.68 13.21
H3 MAN H . -40.26 8.23 15.09
H4 MAN H . -41.11 5.92 13.29
H5 MAN H . -38.41 6.59 14.48
H61 MAN H . -39.48 4.26 12.83
H62 MAN H . -38.38 4.23 14.23
HO2 MAN H . -41.36 8.58 11.19
HO3 MAN H . -42.36 8.85 14.94
HO4 MAN H . -41.48 5.99 15.72
HO6 MAN H . -36.95 4.05 12.59
C1 NAG I . 9.54 -16.47 19.29
C2 NAG I . 8.99 -17.78 19.84
C3 NAG I . 9.77 -18.96 19.25
C4 NAG I . 9.75 -18.89 17.72
C5 NAG I . 10.23 -17.53 17.22
C6 NAG I . 10.09 -17.37 15.72
C7 NAG I . 8.01 -18.26 22.05
C8 NAG I . 8.22 -18.23 23.53
N2 NAG I . 9.02 -17.81 21.29
O3 NAG I . 9.18 -20.17 19.70
O4 NAG I . 10.61 -19.89 17.18
O5 NAG I . 9.46 -16.48 17.83
O6 NAG I . 8.74 -17.36 15.32
O7 NAG I . 6.96 -18.66 21.55
C1 MAN J . 4.16 -3.72 10.29
C2 MAN J . 3.93 -2.36 11.01
C3 MAN J . 2.43 -2.01 11.04
C4 MAN J . 1.77 -2.19 9.66
C5 MAN J . 1.99 -3.63 9.18
C6 MAN J . 1.40 -3.94 7.82
O2 MAN J . 4.60 -1.31 10.31
O3 MAN J . 2.23 -0.68 11.53
O4 MAN J . 0.38 -1.94 9.75
O5 MAN J . 3.44 -3.84 9.08
O6 MAN J . 1.63 -5.32 7.54
H1 MAN J . 5.21 -3.81 9.99
H2 MAN J . 4.29 -2.43 12.04
H3 MAN J . 1.91 -2.69 11.72
H4 MAN J . 2.24 -1.50 8.95
H5 MAN J . 1.54 -4.33 9.89
H61 MAN J . 1.87 -3.29 7.06
H62 MAN J . 0.32 -3.71 7.85
HO2 MAN J . 5.54 -1.47 10.31
HO3 MAN J . 2.57 -0.71 12.45
HO4 MAN J . 0.30 -1.12 10.25
HO6 MAN J . 2.53 -5.53 7.82
C1 MAN K . 2.98 -9.94 7.34
C2 MAN K . 1.62 -9.28 7.65
C3 MAN K . 1.10 -9.87 8.96
C4 MAN K . 1.05 -11.43 8.88
C5 MAN K . 2.41 -11.99 8.49
C6 MAN K . 2.43 -13.51 8.20
O2 MAN K . 0.65 -9.60 6.66
O3 MAN K . -0.17 -9.35 9.31
O4 MAN K . 0.67 -11.96 10.16
O5 MAN K . 2.88 -11.34 7.27
O6 MAN K . 3.77 -13.91 7.94
H1 MAN K . 3.34 -9.63 6.35
H2 MAN K . 1.72 -8.20 7.72
H3 MAN K . 1.77 -9.61 9.78
H4 MAN K . 0.34 -11.70 8.08
H5 MAN K . 3.09 -11.79 9.33
H61 MAN K . 1.77 -13.70 7.35
H62 MAN K . 2.02 -14.04 9.08
HO2 MAN K . 1.06 -9.50 5.78
HO3 MAN K . -0.05 -8.39 9.33
HO4 MAN K . -0.13 -11.46 10.42
HO6 MAN K . 3.77 -14.87 7.83
#